data_8SBR
#
_entry.id   8SBR
#
_cell.length_a   163.324
_cell.length_b   106.782
_cell.length_c   132.825
_cell.angle_alpha   90.000
_cell.angle_beta   90.000
_cell.angle_gamma   90.000
#
_symmetry.space_group_name_H-M   'P 21 21 2'
#
loop_
_entity.id
_entity.type
_entity.pdbx_description
1 polymer 'CTP synthase'
2 non-polymer 'MALONIC ACID'
3 non-polymer "CYTIDINE-5'-TRIPHOSPHATE"
4 water water
#
_entity_poly.entity_id   1
_entity_poly.type   'polypeptide(L)'
_entity_poly.pdbx_seq_one_letter_code
;MTTNYIFVTGGVVSSLGKGIAAASLAAILEARGLNVTIMKLDPYINVDPGTMSPIQHGEVFVTEDGAETDLDLGHYERFI
RTKMSRRNNFTTGRIYSDVLRKERRGDYLGATVQVIPHITNAIKERVLEGGEGHDVVLVEIGGTVGDIESLPFLEAIRQM
AVEIGREHTLFMHLTLVPYMAASGEVKTKPTQHSVKELLSIGIQPDILICRSDRAVPANERAKIALFCNVPEKAVISLKD
VDSIYKIPGLLKSQGLDDYICKRFSLNCPEANLSEWEQVIFEEANPVSEVTIGMVGKYIELPDAYKSVIEALKHGGLKNR
VSVNIKLIDSQDVETRGVEILKGLDAILVPGGFGYRGVEGMITTARFARENNIPYLGICLGMQVALIDYARHVANMENAN
STEFVPDCKYPVVALITEWRDENGNVEVRSEKSDLGGTMRLGAQQCQLVDDSLVRQLYNAPTIVERHRHRYEVNNMLLKQ
IEDAGLRVAGRSGDDQLVEIIEVPNHPWFVACQFHPEFTSTPRDGHPLFAGFVKAASEFQKRQAK
;
_entity_poly.pdbx_strand_id   A,B
#
# COMPACT_ATOMS: atom_id res chain seq x y z
N MET A 1 -42.66 -6.19 -9.28
CA MET A 1 -41.93 -7.37 -8.85
C MET A 1 -41.40 -7.22 -7.43
N THR A 2 -40.44 -8.08 -7.07
CA THR A 2 -39.85 -8.08 -5.73
C THR A 2 -38.58 -7.25 -5.73
N THR A 3 -38.47 -6.34 -4.77
CA THR A 3 -37.31 -5.46 -4.69
C THR A 3 -36.09 -6.23 -4.21
N ASN A 4 -34.97 -6.07 -4.91
CA ASN A 4 -33.71 -6.68 -4.54
C ASN A 4 -32.77 -5.63 -3.97
N TYR A 5 -31.91 -6.05 -3.04
CA TYR A 5 -31.02 -5.15 -2.34
C TYR A 5 -29.58 -5.63 -2.46
N ILE A 6 -28.68 -4.70 -2.72
CA ILE A 6 -27.24 -4.96 -2.77
C ILE A 6 -26.61 -4.06 -1.71
N PHE A 7 -26.21 -4.65 -0.59
CA PHE A 7 -25.54 -3.89 0.46
C PHE A 7 -24.05 -3.77 0.15
N VAL A 8 -23.53 -2.55 0.18
CA VAL A 8 -22.16 -2.25 -0.18
C VAL A 8 -21.42 -1.78 1.07
N THR A 9 -20.36 -2.49 1.44
CA THR A 9 -19.52 -2.15 2.58
C THR A 9 -18.06 -2.16 2.15
N GLY A 10 -17.20 -1.68 3.06
CA GLY A 10 -15.79 -1.62 2.79
C GLY A 10 -14.97 -1.91 4.04
N GLY A 11 -13.77 -2.44 3.83
CA GLY A 11 -12.89 -2.82 4.91
C GLY A 11 -11.49 -2.27 4.72
N VAL A 12 -10.60 -2.68 5.65
CA VAL A 12 -9.19 -2.29 5.66
C VAL A 12 -9.04 -0.79 5.84
N VAL A 13 -9.38 0.00 4.83
CA VAL A 13 -9.29 1.45 4.86
C VAL A 13 -10.66 2.03 4.52
N SER A 14 -10.76 3.36 4.64
CA SER A 14 -12.02 4.08 4.44
C SER A 14 -12.18 4.63 3.04
N SER A 15 -11.09 5.11 2.41
CA SER A 15 -11.17 5.78 1.12
C SER A 15 -11.00 4.78 -0.03
N LEU A 16 -11.92 3.81 -0.06
CA LEU A 16 -11.92 2.79 -1.10
C LEU A 16 -12.69 3.21 -2.35
N GLY A 17 -13.49 4.26 -2.27
CA GLY A 17 -14.35 4.65 -3.37
C GLY A 17 -15.60 3.81 -3.43
N LYS A 18 -16.25 3.63 -2.28
CA LYS A 18 -17.44 2.79 -2.21
C LYS A 18 -18.56 3.36 -3.06
N GLY A 19 -18.78 4.68 -2.99
CA GLY A 19 -19.85 5.28 -3.76
C GLY A 19 -19.60 5.23 -5.26
N ILE A 20 -18.33 5.39 -5.66
CA ILE A 20 -17.99 5.30 -7.08
C ILE A 20 -18.28 3.90 -7.61
N ALA A 21 -17.97 2.87 -6.81
CA ALA A 21 -18.25 1.50 -7.24
C ALA A 21 -19.75 1.23 -7.31
N ALA A 22 -20.50 1.68 -6.31
CA ALA A 22 -21.94 1.47 -6.31
C ALA A 22 -22.61 2.20 -7.48
N ALA A 23 -22.15 3.43 -7.76
CA ALA A 23 -22.73 4.18 -8.86
C ALA A 23 -22.39 3.55 -10.20
N SER A 24 -21.16 3.03 -10.35
CA SER A 24 -20.75 2.41 -11.60
C SER A 24 -21.54 1.13 -11.85
N LEU A 25 -21.75 0.32 -10.82
CA LEU A 25 -22.55 -0.89 -10.96
C LEU A 25 -24.00 -0.55 -11.29
N ALA A 26 -24.53 0.52 -10.69
CA ALA A 26 -25.90 0.92 -10.96
C ALA A 26 -26.07 1.39 -12.41
N ALA A 27 -25.01 1.95 -13.00
CA ALA A 27 -25.09 2.35 -14.39
C ALA A 27 -25.18 1.14 -15.32
N ILE A 28 -24.56 0.02 -14.95
CA ILE A 28 -24.66 -1.19 -15.76
C ILE A 28 -26.06 -1.77 -15.67
N LEU A 29 -26.57 -1.94 -14.44
CA LEU A 29 -27.89 -2.52 -14.26
C LEU A 29 -28.97 -1.66 -14.91
N GLU A 30 -28.83 -0.33 -14.83
CA GLU A 30 -29.76 0.55 -15.52
C GLU A 30 -29.66 0.39 -17.03
N ALA A 31 -28.44 0.14 -17.54
CA ALA A 31 -28.25 -0.06 -18.97
C ALA A 31 -28.91 -1.33 -19.47
N ARG A 32 -29.29 -2.24 -18.58
CA ARG A 32 -30.01 -3.45 -18.94
C ARG A 32 -31.52 -3.29 -18.83
N GLY A 33 -32.01 -2.07 -18.63
CA GLY A 33 -33.43 -1.81 -18.53
C GLY A 33 -34.01 -1.94 -17.13
N LEU A 34 -33.16 -2.02 -16.11
CA LEU A 34 -33.64 -2.22 -14.75
C LEU A 34 -33.84 -0.87 -14.06
N ASN A 35 -34.86 -0.82 -13.19
CA ASN A 35 -35.12 0.37 -12.37
C ASN A 35 -34.24 0.28 -11.13
N VAL A 36 -33.20 1.11 -11.08
CA VAL A 36 -32.19 1.04 -10.04
C VAL A 36 -32.15 2.35 -9.27
N THR A 37 -31.79 2.26 -7.99
CA THR A 37 -31.60 3.45 -7.16
C THR A 37 -30.51 3.16 -6.15
N ILE A 38 -29.97 4.24 -5.57
CA ILE A 38 -28.87 4.16 -4.61
C ILE A 38 -29.22 5.02 -3.40
N MET A 39 -28.67 4.64 -2.24
CA MET A 39 -28.81 5.44 -1.04
C MET A 39 -27.54 5.28 -0.20
N LYS A 40 -27.28 6.29 0.65
CA LYS A 40 -26.03 6.37 1.40
C LYS A 40 -26.34 6.49 2.89
N LEU A 41 -25.69 5.66 3.70
CA LEU A 41 -25.84 5.68 5.14
C LEU A 41 -24.54 6.21 5.77
N ASP A 42 -24.63 7.37 6.43
CA ASP A 42 -23.47 8.00 7.05
C ASP A 42 -23.50 7.78 8.55
N PRO A 43 -22.38 7.41 9.17
CA PRO A 43 -22.39 7.15 10.62
C PRO A 43 -22.07 8.37 11.46
N TYR A 44 -22.24 9.57 10.90
CA TYR A 44 -21.96 10.78 11.66
C TYR A 44 -23.14 11.14 12.56
N ILE A 45 -22.85 11.94 13.59
CA ILE A 45 -23.89 12.39 14.51
C ILE A 45 -24.62 13.63 13.98
N ASN A 46 -24.04 14.33 13.01
CA ASN A 46 -24.73 15.46 12.40
C ASN A 46 -26.05 15.00 11.79
N VAL A 47 -27.09 15.84 11.94
CA VAL A 47 -28.40 15.48 11.40
C VAL A 47 -28.36 15.49 9.87
N ASP A 48 -27.65 16.44 9.28
CA ASP A 48 -27.42 16.49 7.84
C ASP A 48 -26.15 17.29 7.60
N PRO A 49 -25.56 17.19 6.40
CA PRO A 49 -24.33 17.95 6.11
C PRO A 49 -24.52 19.45 6.05
N GLY A 50 -25.71 19.95 6.42
CA GLY A 50 -25.96 21.38 6.33
C GLY A 50 -25.07 22.21 7.24
N THR A 51 -24.63 21.64 8.35
CA THR A 51 -23.76 22.35 9.29
C THR A 51 -22.28 22.11 9.05
N MET A 52 -21.92 21.03 8.36
CA MET A 52 -20.51 20.69 8.18
C MET A 52 -19.82 21.69 7.29
N SER A 53 -18.60 22.06 7.67
CA SER A 53 -17.81 22.99 6.87
C SER A 53 -17.38 22.32 5.55
N PRO A 54 -17.27 23.09 4.47
CA PRO A 54 -16.86 22.48 3.19
C PRO A 54 -15.47 21.87 3.22
N ILE A 55 -14.55 22.42 4.01
CA ILE A 55 -13.18 21.90 4.06
C ILE A 55 -13.07 20.62 4.88
N GLN A 56 -14.15 20.16 5.49
CA GLN A 56 -14.14 18.96 6.32
C GLN A 56 -14.86 17.80 5.67
N HIS A 57 -16.11 18.00 5.24
CA HIS A 57 -16.92 16.96 4.65
C HIS A 57 -16.92 16.98 3.13
N GLY A 58 -16.56 18.11 2.52
CA GLY A 58 -16.68 18.29 1.10
C GLY A 58 -17.81 19.25 0.76
N GLU A 59 -18.23 19.20 -0.50
CA GLU A 59 -19.34 20.04 -0.93
C GLU A 59 -20.64 19.55 -0.32
N VAL A 60 -21.58 20.47 -0.18
CA VAL A 60 -22.93 20.16 0.30
C VAL A 60 -23.81 20.00 -0.94
N PHE A 61 -24.08 18.75 -1.31
CA PHE A 61 -24.90 18.49 -2.48
C PHE A 61 -26.37 18.81 -2.17
N VAL A 62 -27.06 19.38 -3.15
CA VAL A 62 -28.46 19.76 -3.02
C VAL A 62 -29.27 18.97 -4.04
N THR A 63 -30.25 18.22 -3.54
CA THR A 63 -31.16 17.48 -4.42
C THR A 63 -32.26 18.40 -4.93
N GLU A 64 -33.18 17.84 -5.71
CA GLU A 64 -34.28 18.64 -6.25
C GLU A 64 -35.21 19.14 -5.15
N ASP A 65 -35.55 18.26 -4.20
CA ASP A 65 -36.51 18.62 -3.16
C ASP A 65 -35.94 19.56 -2.11
N GLY A 66 -34.68 19.98 -2.23
CA GLY A 66 -34.09 20.91 -1.28
C GLY A 66 -33.33 20.29 -0.15
N ALA A 67 -32.95 19.02 -0.25
CA ALA A 67 -32.23 18.35 0.82
C ALA A 67 -30.73 18.57 0.68
N GLU A 68 -30.08 18.92 1.80
CA GLU A 68 -28.63 19.05 1.86
C GLU A 68 -28.05 17.69 2.22
N THR A 69 -27.31 17.09 1.29
CA THR A 69 -26.88 15.70 1.41
C THR A 69 -25.36 15.59 1.26
N ASP A 70 -24.87 14.38 1.44
CA ASP A 70 -23.47 14.07 1.18
C ASP A 70 -23.18 14.14 -0.32
N LEU A 71 -21.92 14.45 -0.65
CA LEU A 71 -21.56 14.60 -2.06
C LEU A 71 -21.61 13.31 -2.85
N ASP A 72 -21.70 12.15 -2.17
CA ASP A 72 -21.84 10.89 -2.89
C ASP A 72 -23.10 10.84 -3.74
N LEU A 73 -24.13 11.63 -3.39
CA LEU A 73 -25.32 11.69 -4.22
C LEU A 73 -25.06 12.41 -5.54
N GLY A 74 -24.03 13.27 -5.59
CA GLY A 74 -23.63 13.82 -6.87
C GLY A 74 -23.08 12.75 -7.80
N HIS A 75 -22.34 11.79 -7.24
CA HIS A 75 -21.91 10.63 -8.02
C HIS A 75 -23.10 9.84 -8.53
N TYR A 76 -24.15 9.72 -7.72
CA TYR A 76 -25.31 8.93 -8.11
C TYR A 76 -26.02 9.55 -9.30
N GLU A 77 -26.30 10.85 -9.24
CA GLU A 77 -27.02 11.51 -10.32
C GLU A 77 -26.20 11.63 -11.59
N ARG A 78 -24.87 11.55 -11.49
CA ARG A 78 -24.01 11.60 -12.66
C ARG A 78 -23.79 10.24 -13.30
N PHE A 79 -24.37 9.18 -12.74
CA PHE A 79 -24.24 7.83 -13.29
C PHE A 79 -25.57 7.21 -13.71
N ILE A 80 -26.66 7.50 -13.00
CA ILE A 80 -27.97 6.93 -13.34
C ILE A 80 -28.98 8.07 -13.45
N ARG A 81 -30.08 7.78 -14.15
CA ARG A 81 -31.11 8.77 -14.43
C ARG A 81 -32.00 9.04 -13.22
N THR A 82 -32.08 8.12 -12.26
CA THR A 82 -32.96 8.28 -11.12
C THR A 82 -32.54 9.50 -10.30
N LYS A 83 -33.53 10.32 -9.93
CA LYS A 83 -33.27 11.55 -9.19
C LYS A 83 -33.23 11.28 -7.70
N MET A 84 -32.16 11.75 -7.05
CA MET A 84 -32.03 11.59 -5.61
C MET A 84 -32.95 12.56 -4.88
N SER A 85 -33.30 12.19 -3.64
CA SER A 85 -34.14 13.01 -2.80
C SER A 85 -33.63 12.90 -1.37
N ARG A 86 -34.44 13.40 -0.42
CA ARG A 86 -34.06 13.35 0.99
C ARG A 86 -33.95 11.92 1.49
N ARG A 87 -34.72 11.00 0.92
CA ARG A 87 -34.75 9.62 1.39
C ARG A 87 -33.58 8.78 0.88
N ASN A 88 -32.62 9.40 0.17
CA ASN A 88 -31.46 8.68 -0.35
C ASN A 88 -30.20 8.94 0.47
N ASN A 89 -30.32 9.60 1.62
CA ASN A 89 -29.15 9.91 2.44
C ASN A 89 -29.60 10.31 3.83
N PHE A 90 -29.30 9.48 4.83
CA PHE A 90 -29.57 9.81 6.21
C PHE A 90 -28.38 9.41 7.06
N THR A 91 -28.30 9.99 8.26
CA THR A 91 -27.16 9.82 9.16
C THR A 91 -27.62 9.19 10.47
N THR A 92 -26.62 8.80 11.28
CA THR A 92 -26.92 8.31 12.62
C THR A 92 -27.63 9.37 13.45
N GLY A 93 -27.22 10.64 13.29
CA GLY A 93 -27.89 11.70 14.01
C GLY A 93 -29.35 11.84 13.63
N ARG A 94 -29.67 11.61 12.36
CA ARG A 94 -31.07 11.62 11.92
C ARG A 94 -31.85 10.48 12.57
N ILE A 95 -31.25 9.29 12.63
CA ILE A 95 -31.92 8.15 13.24
C ILE A 95 -32.23 8.42 14.71
N TYR A 96 -31.21 8.82 15.47
CA TYR A 96 -31.42 9.10 16.89
C TYR A 96 -32.38 10.27 17.10
N SER A 97 -32.31 11.28 16.24
CA SER A 97 -33.23 12.41 16.37
C SER A 97 -34.67 11.98 16.12
N ASP A 98 -34.89 11.03 15.21
CA ASP A 98 -36.23 10.55 14.95
C ASP A 98 -36.73 9.66 16.08
N VAL A 99 -35.86 8.79 16.60
CA VAL A 99 -36.26 7.90 17.68
C VAL A 99 -36.50 8.68 18.97
N LEU A 100 -35.65 9.68 19.23
CA LEU A 100 -35.82 10.49 20.44
C LEU A 100 -37.14 11.28 20.40
N ARG A 101 -37.52 11.76 19.21
CA ARG A 101 -38.77 12.50 19.10
C ARG A 101 -39.97 11.60 19.29
N LYS A 102 -39.88 10.35 18.83
CA LYS A 102 -40.97 9.40 19.04
C LYS A 102 -41.11 9.01 20.50
N GLU A 103 -39.99 8.92 21.23
CA GLU A 103 -40.05 8.51 22.62
C GLU A 103 -40.68 9.59 23.48
N ARG A 104 -40.20 10.84 23.37
CA ARG A 104 -40.79 11.94 24.13
C ARG A 104 -42.26 12.13 23.80
N ARG A 105 -42.65 11.88 22.55
CA ARG A 105 -44.06 11.93 22.18
C ARG A 105 -44.86 10.78 22.78
N GLY A 106 -44.19 9.69 23.17
CA GLY A 106 -44.87 8.55 23.76
C GLY A 106 -45.31 7.50 22.77
N ASP A 107 -44.76 7.48 21.55
CA ASP A 107 -45.15 6.50 20.56
C ASP A 107 -44.64 5.10 20.86
N TYR A 108 -43.71 4.97 21.80
CA TYR A 108 -43.19 3.66 22.19
C TYR A 108 -43.95 3.06 23.36
N LEU A 109 -44.99 3.75 23.85
CA LEU A 109 -45.94 3.19 24.81
C LEU A 109 -45.27 2.76 26.11
N GLY A 110 -44.38 3.61 26.61
CA GLY A 110 -43.73 3.33 27.88
C GLY A 110 -42.72 2.22 27.86
N ALA A 111 -42.38 1.69 26.69
CA ALA A 111 -41.38 0.65 26.60
C ALA A 111 -39.97 1.23 26.74
N THR A 112 -38.99 0.34 26.92
CA THR A 112 -37.60 0.75 27.01
C THR A 112 -36.98 0.73 25.62
N VAL A 113 -36.58 1.91 25.14
CA VAL A 113 -36.02 2.04 23.80
C VAL A 113 -34.56 1.62 23.84
N GLN A 114 -34.20 0.66 23.00
CA GLN A 114 -32.87 0.07 22.98
C GLN A 114 -32.27 0.17 21.58
N VAL A 115 -30.96 -0.06 21.49
CA VAL A 115 -30.30 -0.10 20.19
C VAL A 115 -30.90 -1.19 19.33
N ILE A 116 -30.99 -2.40 19.88
CA ILE A 116 -31.68 -3.52 19.26
C ILE A 116 -32.95 -3.77 20.06
N PRO A 117 -34.14 -3.76 19.44
CA PRO A 117 -34.39 -3.57 18.00
C PRO A 117 -34.75 -2.15 17.58
N HIS A 118 -34.91 -1.19 18.49
CA HIS A 118 -35.55 0.08 18.13
C HIS A 118 -34.69 0.90 17.17
N ILE A 119 -33.39 1.03 17.44
CA ILE A 119 -32.51 1.75 16.53
C ILE A 119 -32.38 1.01 15.21
N THR A 120 -32.27 -0.31 15.25
CA THR A 120 -32.17 -1.10 14.03
C THR A 120 -33.50 -1.13 13.28
N ASN A 121 -34.63 -1.06 13.99
CA ASN A 121 -35.92 -0.95 13.30
C ASN A 121 -36.03 0.37 12.55
N ALA A 122 -35.55 1.46 13.16
CA ALA A 122 -35.61 2.76 12.49
C ALA A 122 -34.75 2.78 11.24
N ILE A 123 -33.62 2.07 11.25
CA ILE A 123 -32.76 2.03 10.07
C ILE A 123 -33.41 1.22 8.96
N LYS A 124 -34.00 0.07 9.30
CA LYS A 124 -34.63 -0.76 8.28
C LYS A 124 -35.83 -0.05 7.65
N GLU A 125 -36.57 0.74 8.42
CA GLU A 125 -37.72 1.45 7.88
C GLU A 125 -37.31 2.46 6.82
N ARG A 126 -36.15 3.12 7.00
CA ARG A 126 -35.69 4.10 6.03
C ARG A 126 -35.11 3.45 4.79
N VAL A 127 -34.36 2.36 4.96
CA VAL A 127 -33.81 1.64 3.81
C VAL A 127 -34.93 1.11 2.93
N LEU A 128 -36.00 0.61 3.55
CA LEU A 128 -37.15 0.13 2.78
C LEU A 128 -37.88 1.28 2.10
N GLU A 129 -38.02 2.42 2.78
CA GLU A 129 -38.77 3.54 2.23
C GLU A 129 -38.13 4.06 0.95
N GLY A 130 -36.80 4.22 0.95
CA GLY A 130 -36.13 4.70 -0.25
C GLY A 130 -35.95 3.65 -1.33
N GLY A 131 -36.15 2.38 -0.99
CA GLY A 131 -35.89 1.32 -1.94
C GLY A 131 -37.11 0.78 -2.64
N GLU A 132 -38.17 0.50 -1.89
CA GLU A 132 -39.36 -0.14 -2.45
C GLU A 132 -39.93 0.69 -3.59
N GLY A 133 -40.23 0.01 -4.70
CA GLY A 133 -40.59 0.65 -5.95
C GLY A 133 -39.55 0.50 -7.04
N HIS A 134 -38.41 -0.10 -6.74
CA HIS A 134 -37.35 -0.33 -7.70
C HIS A 134 -37.02 -1.81 -7.77
N ASP A 135 -36.28 -2.19 -8.82
CA ASP A 135 -35.84 -3.57 -8.97
C ASP A 135 -34.64 -3.88 -8.10
N VAL A 136 -33.58 -3.07 -8.21
CA VAL A 136 -32.35 -3.25 -7.45
C VAL A 136 -32.08 -1.97 -6.68
N VAL A 137 -31.74 -2.12 -5.41
CA VAL A 137 -31.43 -0.99 -4.53
C VAL A 137 -30.04 -1.20 -3.96
N LEU A 138 -29.16 -0.23 -4.18
CA LEU A 138 -27.80 -0.29 -3.68
C LEU A 138 -27.70 0.57 -2.42
N VAL A 139 -27.26 -0.04 -1.33
CA VAL A 139 -27.19 0.60 -0.02
C VAL A 139 -25.72 0.64 0.39
N GLU A 140 -25.15 1.84 0.43
CA GLU A 140 -23.75 2.04 0.76
C GLU A 140 -23.62 2.40 2.24
N ILE A 141 -22.89 1.58 2.98
CA ILE A 141 -22.66 1.80 4.40
C ILE A 141 -21.33 2.53 4.57
N GLY A 142 -21.38 3.74 5.11
CA GLY A 142 -20.17 4.48 5.36
C GLY A 142 -19.35 3.89 6.49
N GLY A 143 -18.06 4.23 6.50
CA GLY A 143 -17.14 3.75 7.50
C GLY A 143 -16.50 2.44 7.12
N THR A 144 -15.57 2.01 7.97
CA THR A 144 -14.80 0.79 7.76
C THR A 144 -15.32 -0.30 8.69
N VAL A 145 -15.54 -1.49 8.14
CA VAL A 145 -16.03 -2.61 8.96
C VAL A 145 -15.04 -2.91 10.06
N GLY A 146 -15.54 -2.97 11.30
CA GLY A 146 -14.70 -3.19 12.46
C GLY A 146 -14.68 -2.02 13.43
N ASP A 147 -15.36 -0.92 13.11
CA ASP A 147 -15.42 0.25 13.96
C ASP A 147 -16.75 0.30 14.70
N ILE A 148 -16.78 1.12 15.76
CA ILE A 148 -17.97 1.22 16.60
C ILE A 148 -19.11 1.92 15.87
N GLU A 149 -18.80 2.89 15.01
CA GLU A 149 -19.81 3.83 14.55
C GLU A 149 -20.79 3.20 13.57
N SER A 150 -20.39 2.16 12.85
CA SER A 150 -21.24 1.54 11.85
CA SER A 150 -21.23 1.54 11.84
C SER A 150 -21.85 0.22 12.31
N LEU A 151 -21.70 -0.14 13.58
CA LEU A 151 -22.27 -1.38 14.06
C LEU A 151 -23.80 -1.41 13.99
N PRO A 152 -24.54 -0.36 14.36
CA PRO A 152 -26.00 -0.41 14.17
C PRO A 152 -26.42 -0.54 12.71
N PHE A 153 -25.69 0.08 11.78
CA PHE A 153 -26.03 -0.05 10.37
C PHE A 153 -25.85 -1.49 9.90
N LEU A 154 -24.77 -2.15 10.31
CA LEU A 154 -24.48 -3.49 9.85
C LEU A 154 -25.46 -4.50 10.44
N GLU A 155 -25.78 -4.36 11.73
CA GLU A 155 -26.75 -5.26 12.35
C GLU A 155 -28.14 -5.08 11.76
N ALA A 156 -28.47 -3.86 11.33
CA ALA A 156 -29.79 -3.62 10.73
C ALA A 156 -29.91 -4.30 9.39
N ILE A 157 -28.92 -4.13 8.51
CA ILE A 157 -28.98 -4.74 7.19
C ILE A 157 -28.85 -6.25 7.27
N ARG A 158 -28.22 -6.77 8.33
CA ARG A 158 -28.16 -8.22 8.51
C ARG A 158 -29.55 -8.78 8.79
N GLN A 159 -30.37 -8.04 9.52
CA GLN A 159 -31.74 -8.49 9.78
C GLN A 159 -32.59 -8.43 8.52
N MET A 160 -32.31 -7.48 7.63
CA MET A 160 -33.05 -7.40 6.38
C MET A 160 -32.73 -8.58 5.47
N ALA A 161 -31.46 -9.01 5.44
CA ALA A 161 -31.08 -10.14 4.62
C ALA A 161 -31.79 -11.42 5.08
N VAL A 162 -31.91 -11.61 6.39
CA VAL A 162 -32.59 -12.79 6.91
C VAL A 162 -34.07 -12.74 6.56
N GLU A 163 -34.71 -11.59 6.73
CA GLU A 163 -36.15 -11.49 6.52
C GLU A 163 -36.50 -11.52 5.03
N ILE A 164 -35.66 -10.93 4.19
CA ILE A 164 -35.95 -10.87 2.75
C ILE A 164 -35.51 -12.15 2.06
N GLY A 165 -34.35 -12.68 2.43
CA GLY A 165 -33.86 -13.92 1.87
C GLY A 165 -32.68 -13.70 0.93
N ARG A 166 -31.87 -14.75 0.77
CA ARG A 166 -30.68 -14.68 -0.06
C ARG A 166 -30.98 -14.69 -1.55
N GLU A 167 -32.23 -14.92 -1.95
CA GLU A 167 -32.61 -14.80 -3.34
C GLU A 167 -32.89 -13.36 -3.76
N HIS A 168 -32.89 -12.42 -2.81
CA HIS A 168 -33.13 -11.02 -3.13
C HIS A 168 -32.20 -10.06 -2.38
N THR A 169 -31.10 -10.57 -1.83
CA THR A 169 -30.13 -9.74 -1.12
C THR A 169 -28.72 -10.21 -1.45
N LEU A 170 -27.80 -9.27 -1.56
CA LEU A 170 -26.40 -9.55 -1.83
C LEU A 170 -25.52 -8.63 -1.00
N PHE A 171 -24.46 -9.18 -0.44
CA PHE A 171 -23.47 -8.42 0.32
C PHE A 171 -22.23 -8.26 -0.54
N MET A 172 -21.92 -7.03 -0.94
CA MET A 172 -20.75 -6.71 -1.74
C MET A 172 -19.75 -5.96 -0.87
N HIS A 173 -18.56 -6.53 -0.70
CA HIS A 173 -17.56 -6.02 0.23
C HIS A 173 -16.34 -5.54 -0.54
N LEU A 174 -16.02 -4.26 -0.41
CA LEU A 174 -14.79 -3.71 -0.95
C LEU A 174 -13.65 -3.88 0.05
N THR A 175 -12.50 -4.27 -0.45
CA THR A 175 -11.34 -4.52 0.40
C THR A 175 -10.08 -4.03 -0.30
N LEU A 176 -9.03 -3.82 0.48
CA LEU A 176 -7.74 -3.36 -0.04
C LEU A 176 -6.80 -4.55 -0.15
N VAL A 177 -6.18 -4.70 -1.33
CA VAL A 177 -5.19 -5.74 -1.56
C VAL A 177 -3.86 -5.04 -1.86
N PRO A 178 -3.12 -4.62 -0.84
CA PRO A 178 -1.95 -3.77 -1.08
C PRO A 178 -0.78 -4.54 -1.66
N TYR A 179 0.07 -3.80 -2.35
CA TYR A 179 1.30 -4.33 -2.93
C TYR A 179 2.48 -4.01 -2.03
N MET A 180 3.34 -5.00 -1.81
CA MET A 180 4.55 -4.84 -1.01
C MET A 180 5.77 -5.00 -1.90
N ALA A 181 6.69 -4.04 -1.84
CA ALA A 181 7.89 -4.11 -2.67
C ALA A 181 8.79 -5.26 -2.25
N ALA A 182 8.95 -5.48 -0.95
CA ALA A 182 9.81 -6.56 -0.48
C ALA A 182 9.25 -7.94 -0.79
N SER A 183 7.97 -8.03 -1.14
CA SER A 183 7.34 -9.30 -1.49
C SER A 183 7.10 -9.45 -2.99
N GLY A 184 7.17 -8.37 -3.76
CA GLY A 184 6.93 -8.45 -5.19
C GLY A 184 5.56 -8.95 -5.57
N GLU A 185 4.58 -8.83 -4.67
CA GLU A 185 3.25 -9.38 -4.91
C GLU A 185 2.25 -8.64 -4.02
N VAL A 186 1.00 -8.61 -4.47
CA VAL A 186 -0.07 -8.07 -3.63
C VAL A 186 -0.37 -9.04 -2.49
N LYS A 187 -0.93 -8.50 -1.41
CA LYS A 187 -1.14 -9.24 -0.18
C LYS A 187 -2.63 -9.36 0.11
N THR A 188 -3.07 -10.58 0.40
CA THR A 188 -4.47 -10.86 0.69
C THR A 188 -4.79 -10.92 2.18
N LYS A 189 -3.78 -10.85 3.04
CA LYS A 189 -4.03 -10.97 4.48
C LYS A 189 -4.95 -9.88 5.04
N PRO A 190 -4.84 -8.60 4.66
CA PRO A 190 -5.82 -7.62 5.16
C PRO A 190 -7.25 -7.98 4.80
N THR A 191 -7.47 -8.56 3.62
CA THR A 191 -8.81 -9.02 3.26
C THR A 191 -9.25 -10.15 4.17
N GLN A 192 -8.33 -11.06 4.51
CA GLN A 192 -8.65 -12.17 5.40
C GLN A 192 -9.18 -11.67 6.74
N HIS A 193 -8.46 -10.74 7.36
CA HIS A 193 -8.90 -10.21 8.66
C HIS A 193 -10.15 -9.36 8.52
N SER A 194 -10.31 -8.66 7.41
CA SER A 194 -11.50 -7.83 7.23
C SER A 194 -12.74 -8.68 7.05
N VAL A 195 -12.67 -9.74 6.25
CA VAL A 195 -13.82 -10.62 6.07
C VAL A 195 -14.15 -11.34 7.38
N LYS A 196 -13.13 -11.64 8.20
CA LYS A 196 -13.40 -12.23 9.50
C LYS A 196 -14.18 -11.27 10.39
N GLU A 197 -14.00 -9.96 10.21
CA GLU A 197 -14.80 -8.99 10.95
C GLU A 197 -16.28 -9.10 10.57
N LEU A 198 -16.57 -9.26 9.28
CA LEU A 198 -17.95 -9.40 8.84
C LEU A 198 -18.58 -10.67 9.39
N LEU A 199 -17.82 -11.77 9.44
CA LEU A 199 -18.36 -13.02 9.95
C LEU A 199 -18.72 -12.92 11.42
N SER A 200 -17.91 -12.19 12.20
CA SER A 200 -18.16 -12.06 13.63
C SER A 200 -19.41 -11.24 13.94
N ILE A 201 -19.97 -10.53 12.97
CA ILE A 201 -21.22 -9.80 13.15
C ILE A 201 -22.35 -10.41 12.34
N GLY A 202 -22.15 -11.59 11.77
CA GLY A 202 -23.21 -12.31 11.12
C GLY A 202 -23.41 -12.01 9.65
N ILE A 203 -22.36 -11.56 8.95
CA ILE A 203 -22.44 -11.20 7.54
C ILE A 203 -21.43 -12.03 6.77
N GLN A 204 -21.92 -12.74 5.74
CA GLN A 204 -21.06 -13.47 4.82
C GLN A 204 -21.02 -12.75 3.49
N PRO A 205 -19.86 -12.32 3.02
CA PRO A 205 -19.81 -11.62 1.72
C PRO A 205 -20.17 -12.53 0.57
N ASP A 206 -20.90 -11.98 -0.40
CA ASP A 206 -21.19 -12.68 -1.64
C ASP A 206 -20.25 -12.26 -2.77
N ILE A 207 -19.78 -11.02 -2.75
CA ILE A 207 -18.92 -10.48 -3.81
C ILE A 207 -17.80 -9.67 -3.15
N LEU A 208 -16.57 -9.89 -3.59
CA LEU A 208 -15.41 -9.16 -3.10
C LEU A 208 -14.89 -8.25 -4.21
N ILE A 209 -14.86 -6.95 -3.95
CA ILE A 209 -14.31 -5.97 -4.88
C ILE A 209 -12.94 -5.58 -4.36
N CYS A 210 -11.89 -6.08 -5.03
CA CYS A 210 -10.52 -5.90 -4.57
C CYS A 210 -9.95 -4.61 -5.13
N ARG A 211 -9.60 -3.68 -4.24
CA ARG A 211 -9.02 -2.41 -4.61
C ARG A 211 -7.50 -2.47 -4.43
N SER A 212 -6.77 -1.99 -5.43
CA SER A 212 -5.31 -2.01 -5.41
C SER A 212 -4.81 -1.05 -6.49
N ASP A 213 -3.55 -0.65 -6.37
CA ASP A 213 -2.91 0.18 -7.37
C ASP A 213 -2.57 -0.57 -8.65
N ARG A 214 -3.01 -1.83 -8.75
CA ARG A 214 -2.77 -2.65 -9.92
C ARG A 214 -3.78 -3.78 -9.93
N ALA A 215 -3.89 -4.45 -11.07
CA ALA A 215 -4.84 -5.54 -11.19
C ALA A 215 -4.47 -6.68 -10.27
N VAL A 216 -5.47 -7.23 -9.58
CA VAL A 216 -5.26 -8.37 -8.69
C VAL A 216 -5.19 -9.63 -9.55
N PRO A 217 -4.07 -10.34 -9.58
CA PRO A 217 -3.94 -11.51 -10.45
C PRO A 217 -4.97 -12.59 -10.12
N ALA A 218 -5.28 -13.40 -11.12
CA ALA A 218 -6.25 -14.48 -10.93
C ALA A 218 -5.79 -15.48 -9.87
N ASN A 219 -4.47 -15.61 -9.68
CA ASN A 219 -3.97 -16.49 -8.63
C ASN A 219 -4.30 -15.95 -7.25
N GLU A 220 -4.17 -14.63 -7.06
CA GLU A 220 -4.50 -14.03 -5.78
C GLU A 220 -6.00 -13.94 -5.56
N ARG A 221 -6.78 -13.80 -6.64
CA ARG A 221 -8.23 -13.83 -6.50
C ARG A 221 -8.72 -15.22 -6.11
N ALA A 222 -7.99 -16.26 -6.52
CA ALA A 222 -8.38 -17.62 -6.16
C ALA A 222 -8.22 -17.86 -4.66
N LYS A 223 -7.13 -17.34 -4.07
CA LYS A 223 -6.96 -17.45 -2.62
C LYS A 223 -8.09 -16.72 -1.89
N ILE A 224 -8.48 -15.55 -2.40
CA ILE A 224 -9.59 -14.82 -1.79
C ILE A 224 -10.90 -15.58 -1.99
N ALA A 225 -11.07 -16.22 -3.14
CA ALA A 225 -12.30 -16.94 -3.40
C ALA A 225 -12.47 -18.12 -2.46
N LEU A 226 -11.37 -18.85 -2.18
CA LEU A 226 -11.47 -20.01 -1.30
C LEU A 226 -11.65 -19.59 0.16
N PHE A 227 -10.93 -18.55 0.58
CA PHE A 227 -11.01 -18.09 1.97
C PHE A 227 -12.39 -17.55 2.32
N CYS A 228 -13.13 -17.05 1.33
CA CYS A 228 -14.43 -16.43 1.57
C CYS A 228 -15.60 -17.33 1.19
N ASN A 229 -15.34 -18.52 0.66
CA ASN A 229 -16.38 -19.46 0.24
C ASN A 229 -17.31 -18.81 -0.79
N VAL A 230 -16.73 -18.14 -1.78
CA VAL A 230 -17.47 -17.55 -2.87
C VAL A 230 -16.90 -18.08 -4.18
N PRO A 231 -17.68 -18.13 -5.26
CA PRO A 231 -17.11 -18.55 -6.55
C PRO A 231 -16.04 -17.59 -7.02
N GLU A 232 -15.10 -18.11 -7.81
CA GLU A 232 -14.02 -17.27 -8.33
C GLU A 232 -14.54 -16.12 -9.17
N LYS A 233 -15.66 -16.33 -9.88
CA LYS A 233 -16.26 -15.27 -10.66
C LYS A 233 -16.87 -14.16 -9.80
N ALA A 234 -17.01 -14.39 -8.49
CA ALA A 234 -17.53 -13.39 -7.58
C ALA A 234 -16.43 -12.54 -6.94
N VAL A 235 -15.17 -12.77 -7.29
CA VAL A 235 -14.05 -11.98 -6.81
C VAL A 235 -13.59 -11.10 -7.96
N ILE A 236 -13.90 -9.80 -7.87
CA ILE A 236 -13.66 -8.85 -8.94
C ILE A 236 -12.43 -8.02 -8.61
N SER A 237 -11.62 -7.73 -9.62
CA SER A 237 -10.45 -6.87 -9.49
C SER A 237 -10.81 -5.47 -9.96
N LEU A 238 -10.60 -4.47 -9.09
CA LEU A 238 -10.87 -3.07 -9.40
C LEU A 238 -9.59 -2.29 -9.13
N LYS A 239 -8.77 -2.13 -10.17
CA LYS A 239 -7.51 -1.41 -10.05
C LYS A 239 -7.75 0.09 -10.11
N ASP A 240 -6.72 0.85 -9.74
CA ASP A 240 -6.76 2.29 -9.88
C ASP A 240 -6.83 2.68 -11.36
N VAL A 241 -7.72 3.62 -11.67
CA VAL A 241 -7.95 4.03 -13.04
C VAL A 241 -7.77 5.55 -13.14
N ASP A 242 -7.49 6.00 -14.36
CA ASP A 242 -7.32 7.43 -14.62
C ASP A 242 -8.66 8.14 -14.76
N SER A 243 -9.69 7.44 -15.21
CA SER A 243 -11.02 8.01 -15.40
C SER A 243 -12.05 7.08 -14.77
N ILE A 244 -12.90 7.64 -13.91
CA ILE A 244 -13.94 6.83 -13.27
C ILE A 244 -15.00 6.38 -14.26
N TYR A 245 -15.08 7.02 -15.43
CA TYR A 245 -16.04 6.61 -16.44
C TYR A 245 -15.68 5.29 -17.11
N LYS A 246 -14.48 4.76 -16.85
CA LYS A 246 -14.09 3.45 -17.34
C LYS A 246 -14.50 2.33 -16.39
N ILE A 247 -14.84 2.66 -15.15
CA ILE A 247 -15.18 1.62 -14.17
C ILE A 247 -16.41 0.83 -14.56
N PRO A 248 -17.47 1.42 -15.12
CA PRO A 248 -18.59 0.58 -15.61
C PRO A 248 -18.14 -0.49 -16.60
N GLY A 249 -17.22 -0.17 -17.50
CA GLY A 249 -16.73 -1.17 -18.44
C GLY A 249 -15.89 -2.24 -17.78
N LEU A 250 -15.13 -1.89 -16.75
CA LEU A 250 -14.28 -2.87 -16.07
C LEU A 250 -15.12 -3.91 -15.33
N LEU A 251 -16.18 -3.47 -14.67
CA LEU A 251 -17.02 -4.41 -13.93
C LEU A 251 -17.79 -5.34 -14.87
N LYS A 252 -18.26 -4.82 -16.00
CA LYS A 252 -18.98 -5.66 -16.94
C LYS A 252 -18.05 -6.65 -17.62
N SER A 253 -16.80 -6.26 -17.85
CA SER A 253 -15.82 -7.18 -18.45
C SER A 253 -15.58 -8.41 -17.60
N GLN A 254 -15.83 -8.32 -16.29
CA GLN A 254 -15.65 -9.45 -15.39
C GLN A 254 -16.98 -10.09 -15.00
N GLY A 255 -18.07 -9.72 -15.66
CA GLY A 255 -19.35 -10.38 -15.45
C GLY A 255 -20.02 -10.08 -14.13
N LEU A 256 -19.75 -8.92 -13.54
CA LEU A 256 -20.35 -8.59 -12.26
C LEU A 256 -21.86 -8.44 -12.37
N ASP A 257 -22.33 -7.84 -13.47
CA ASP A 257 -23.77 -7.67 -13.65
C ASP A 257 -24.46 -8.99 -13.96
N ASP A 258 -23.79 -9.88 -14.69
CA ASP A 258 -24.38 -11.18 -15.01
C ASP A 258 -24.55 -12.03 -13.76
N TYR A 259 -23.61 -11.92 -12.81
CA TYR A 259 -23.73 -12.67 -11.57
C TYR A 259 -24.85 -12.12 -10.71
N ILE A 260 -25.06 -10.81 -10.72
CA ILE A 260 -26.13 -10.22 -9.92
C ILE A 260 -27.49 -10.53 -10.53
N CYS A 261 -27.61 -10.42 -11.87
CA CYS A 261 -28.87 -10.74 -12.51
C CYS A 261 -29.22 -12.23 -12.35
N LYS A 262 -28.21 -13.09 -12.29
CA LYS A 262 -28.47 -14.51 -12.09
C LYS A 262 -28.94 -14.80 -10.67
N ARG A 263 -28.24 -14.22 -9.67
CA ARG A 263 -28.63 -14.43 -8.28
C ARG A 263 -30.02 -13.91 -7.99
N PHE A 264 -30.43 -12.83 -8.65
CA PHE A 264 -31.76 -12.25 -8.47
C PHE A 264 -32.79 -12.80 -9.44
N SER A 265 -32.40 -13.72 -10.32
CA SER A 265 -33.30 -14.30 -11.32
C SER A 265 -33.98 -13.22 -12.15
N LEU A 266 -33.18 -12.27 -12.64
CA LEU A 266 -33.65 -11.19 -13.48
C LEU A 266 -33.30 -11.51 -14.93
N ASN A 267 -34.32 -11.61 -15.78
CA ASN A 267 -34.14 -11.87 -17.21
C ASN A 267 -34.20 -10.53 -17.94
N CYS A 268 -33.03 -10.00 -18.27
CA CYS A 268 -32.90 -8.71 -18.95
C CYS A 268 -31.78 -8.80 -19.98
N PRO A 269 -31.86 -8.01 -21.04
CA PRO A 269 -30.84 -8.08 -22.10
C PRO A 269 -29.48 -7.59 -21.59
N GLU A 270 -28.48 -7.80 -22.43
CA GLU A 270 -27.11 -7.41 -22.09
C GLU A 270 -26.98 -5.89 -22.03
N ALA A 271 -26.15 -5.43 -21.11
CA ALA A 271 -25.94 -3.99 -20.93
C ALA A 271 -25.35 -3.37 -22.18
N ASN A 272 -25.84 -2.19 -22.53
CA ASN A 272 -25.38 -1.43 -23.70
C ASN A 272 -24.65 -0.19 -23.17
N LEU A 273 -23.35 -0.33 -22.96
CA LEU A 273 -22.53 0.76 -22.42
C LEU A 273 -22.00 1.68 -23.52
N SER A 274 -22.80 1.93 -24.56
CA SER A 274 -22.35 2.77 -25.67
C SER A 274 -22.15 4.22 -25.21
N GLU A 275 -23.01 4.69 -24.31
CA GLU A 275 -22.91 6.08 -23.87
C GLU A 275 -21.66 6.31 -23.03
N TRP A 276 -21.25 5.32 -22.24
CA TRP A 276 -20.02 5.47 -21.46
C TRP A 276 -18.78 5.30 -22.33
N GLU A 277 -18.84 4.41 -23.31
CA GLU A 277 -17.74 4.31 -24.28
C GLU A 277 -17.60 5.60 -25.08
N GLN A 278 -18.71 6.28 -25.35
CA GLN A 278 -18.64 7.56 -26.05
C GLN A 278 -18.04 8.65 -25.17
N VAL A 279 -18.36 8.63 -23.88
CA VAL A 279 -17.78 9.62 -22.96
C VAL A 279 -16.27 9.43 -22.87
N ILE A 280 -15.80 8.18 -22.78
CA ILE A 280 -14.37 7.93 -22.75
C ILE A 280 -13.73 8.31 -24.07
N PHE A 281 -14.44 8.12 -25.19
CA PHE A 281 -13.91 8.49 -26.49
C PHE A 281 -13.65 9.99 -26.57
N GLU A 282 -14.62 10.80 -26.12
CA GLU A 282 -14.46 12.24 -26.19
C GLU A 282 -13.33 12.73 -25.29
N GLU A 283 -13.20 12.13 -24.10
CA GLU A 283 -12.19 12.58 -23.16
C GLU A 283 -10.78 12.27 -23.64
N ALA A 284 -10.61 11.17 -24.38
CA ALA A 284 -9.30 10.72 -24.82
C ALA A 284 -8.83 11.39 -26.11
N ASN A 285 -9.72 12.07 -26.85
CA ASN A 285 -9.37 12.69 -28.13
C ASN A 285 -9.78 14.15 -28.13
N PRO A 286 -9.06 15.01 -27.41
CA PRO A 286 -9.34 16.44 -27.47
C PRO A 286 -8.63 17.08 -28.65
N VAL A 287 -9.14 18.25 -29.04
CA VAL A 287 -8.57 19.04 -30.13
C VAL A 287 -7.61 20.10 -29.61
N SER A 288 -8.05 20.90 -28.65
CA SER A 288 -7.23 21.92 -28.02
C SER A 288 -7.37 21.81 -26.50
N GLU A 289 -6.61 22.63 -25.78
CA GLU A 289 -6.68 22.63 -24.33
C GLU A 289 -6.63 24.07 -23.82
N VAL A 290 -7.25 24.29 -22.67
CA VAL A 290 -7.32 25.60 -22.04
C VAL A 290 -7.00 25.46 -20.55
N THR A 291 -6.82 26.60 -19.90
CA THR A 291 -6.56 26.67 -18.47
C THR A 291 -7.57 27.62 -17.83
N ILE A 292 -8.40 27.10 -16.93
CA ILE A 292 -9.44 27.87 -16.26
C ILE A 292 -9.05 28.02 -14.80
N GLY A 293 -9.05 29.27 -14.32
CA GLY A 293 -8.72 29.53 -12.94
C GLY A 293 -9.98 29.61 -12.08
N MET A 294 -10.01 28.81 -11.02
CA MET A 294 -11.13 28.78 -10.08
C MET A 294 -10.68 29.48 -8.80
N VAL A 295 -11.18 30.69 -8.57
CA VAL A 295 -10.75 31.52 -7.45
C VAL A 295 -11.81 31.43 -6.36
N GLY A 296 -11.46 30.75 -5.26
CA GLY A 296 -12.39 30.58 -4.16
C GLY A 296 -11.76 30.73 -2.79
N LYS A 297 -12.39 30.14 -1.78
CA LYS A 297 -11.89 30.25 -0.41
C LYS A 297 -11.74 28.92 0.30
N TYR A 298 -12.16 27.80 -0.32
CA TYR A 298 -12.02 26.48 0.27
C TYR A 298 -11.05 25.60 -0.52
N ILE A 299 -10.02 26.21 -1.12
CA ILE A 299 -9.11 25.48 -1.99
C ILE A 299 -8.30 24.43 -1.24
N GLU A 300 -8.08 24.63 0.07
CA GLU A 300 -7.30 23.66 0.85
C GLU A 300 -7.85 22.25 0.75
N LEU A 301 -9.12 22.09 0.42
CA LEU A 301 -9.72 20.78 0.13
C LEU A 301 -10.40 20.86 -1.23
N PRO A 302 -9.79 20.28 -2.27
CA PRO A 302 -10.41 20.36 -3.61
C PRO A 302 -11.79 19.73 -3.69
N ASP A 303 -12.13 18.82 -2.78
CA ASP A 303 -13.47 18.24 -2.76
C ASP A 303 -14.55 19.25 -2.37
N ALA A 304 -14.16 20.43 -1.89
CA ALA A 304 -15.15 21.47 -1.59
C ALA A 304 -15.83 21.99 -2.84
N TYR A 305 -15.25 21.77 -4.02
CA TYR A 305 -15.87 22.16 -5.28
C TYR A 305 -15.98 20.94 -6.19
N LYS A 306 -16.53 19.85 -5.65
CA LYS A 306 -16.55 18.58 -6.37
C LYS A 306 -17.37 18.69 -7.65
N SER A 307 -18.64 19.08 -7.54
CA SER A 307 -19.50 19.13 -8.72
C SER A 307 -19.09 20.23 -9.68
N VAL A 308 -18.48 21.31 -9.17
CA VAL A 308 -18.04 22.38 -10.04
C VAL A 308 -16.86 21.93 -10.90
N ILE A 309 -15.88 21.29 -10.27
CA ILE A 309 -14.73 20.76 -11.02
C ILE A 309 -15.18 19.72 -12.03
N GLU A 310 -16.14 18.88 -11.65
CA GLU A 310 -16.61 17.83 -12.54
C GLU A 310 -17.41 18.41 -13.71
N ALA A 311 -18.21 19.45 -13.45
CA ALA A 311 -18.98 20.07 -14.53
C ALA A 311 -18.08 20.80 -15.51
N LEU A 312 -16.92 21.29 -15.07
CA LEU A 312 -15.97 21.90 -15.99
C LEU A 312 -15.41 20.86 -16.95
N LYS A 313 -15.10 19.66 -16.44
CA LYS A 313 -14.65 18.58 -17.32
C LYS A 313 -15.74 18.16 -18.29
N HIS A 314 -17.02 18.31 -17.89
CA HIS A 314 -18.12 17.98 -18.79
C HIS A 314 -18.24 18.99 -19.91
N GLY A 315 -17.97 20.27 -19.62
CA GLY A 315 -17.95 21.27 -20.68
C GLY A 315 -16.85 21.03 -21.69
N GLY A 316 -15.76 20.40 -21.27
CA GLY A 316 -14.69 20.08 -22.20
C GLY A 316 -14.99 18.88 -23.08
N LEU A 317 -15.75 17.92 -22.58
CA LEU A 317 -16.12 16.76 -23.38
C LEU A 317 -16.95 17.18 -24.59
N LYS A 318 -17.87 18.11 -24.39
CA LYS A 318 -18.75 18.56 -25.47
C LYS A 318 -18.05 19.48 -26.46
N ASN A 319 -16.93 20.09 -26.06
CA ASN A 319 -16.16 20.95 -26.96
C ASN A 319 -14.85 20.31 -27.41
N ARG A 320 -14.58 19.08 -27.00
CA ARG A 320 -13.30 18.40 -27.28
C ARG A 320 -12.12 19.22 -26.79
N VAL A 321 -12.27 19.81 -25.60
CA VAL A 321 -11.27 20.69 -25.02
C VAL A 321 -10.80 20.08 -23.70
N SER A 322 -9.49 19.92 -23.57
CA SER A 322 -8.89 19.50 -22.31
C SER A 322 -8.78 20.69 -21.37
N VAL A 323 -9.30 20.55 -20.16
CA VAL A 323 -9.39 21.66 -19.21
C VAL A 323 -8.38 21.42 -18.09
N ASN A 324 -7.45 22.35 -17.93
CA ASN A 324 -6.51 22.35 -16.80
C ASN A 324 -7.03 23.34 -15.76
N ILE A 325 -7.60 22.81 -14.68
CA ILE A 325 -8.20 23.64 -13.64
C ILE A 325 -7.12 24.05 -12.65
N LYS A 326 -6.99 25.34 -12.43
CA LYS A 326 -5.97 25.91 -11.54
C LYS A 326 -6.67 26.56 -10.35
N LEU A 327 -6.54 25.95 -9.18
CA LEU A 327 -7.13 26.48 -7.95
C LEU A 327 -6.29 27.64 -7.44
N ILE A 328 -6.92 28.80 -7.27
CA ILE A 328 -6.23 30.02 -6.86
C ILE A 328 -6.93 30.57 -5.62
N ASP A 329 -6.18 30.70 -4.53
CA ASP A 329 -6.73 31.25 -3.29
C ASP A 329 -7.09 32.71 -3.50
N SER A 330 -8.36 33.06 -3.24
CA SER A 330 -8.79 34.45 -3.39
C SER A 330 -8.09 35.36 -2.39
N GLN A 331 -7.68 34.82 -1.24
CA GLN A 331 -6.97 35.62 -0.26
C GLN A 331 -5.55 35.95 -0.71
N ASP A 332 -4.97 35.14 -1.60
CA ASP A 332 -3.68 35.50 -2.19
C ASP A 332 -3.81 36.69 -3.12
N VAL A 333 -4.97 36.87 -3.75
CA VAL A 333 -5.20 38.04 -4.58
C VAL A 333 -5.26 39.30 -3.71
N GLU A 334 -5.71 39.16 -2.46
CA GLU A 334 -5.81 40.33 -1.57
C GLU A 334 -4.44 40.88 -1.22
N THR A 335 -3.46 40.00 -1.02
CA THR A 335 -2.12 40.41 -0.58
C THR A 335 -1.13 40.55 -1.73
N ARG A 336 -1.03 39.54 -2.59
CA ARG A 336 -0.03 39.57 -3.66
C ARG A 336 -0.50 40.38 -4.86
N GLY A 337 -1.80 40.44 -5.11
CA GLY A 337 -2.35 41.24 -6.17
C GLY A 337 -2.80 40.41 -7.36
N VAL A 338 -3.15 41.12 -8.44
CA VAL A 338 -3.67 40.49 -9.64
C VAL A 338 -2.61 39.67 -10.36
N GLU A 339 -1.32 39.90 -10.07
CA GLU A 339 -0.24 39.19 -10.76
C GLU A 339 -0.40 37.68 -10.75
N ILE A 340 -1.15 37.13 -9.78
CA ILE A 340 -1.36 35.69 -9.72
C ILE A 340 -2.43 35.24 -10.73
N LEU A 341 -3.27 36.14 -11.21
CA LEU A 341 -4.33 35.78 -12.15
C LEU A 341 -3.89 35.86 -13.62
N LYS A 342 -2.59 35.97 -13.88
CA LYS A 342 -2.10 36.01 -15.24
C LYS A 342 -1.98 34.60 -15.81
N GLY A 343 -2.25 34.48 -17.11
CA GLY A 343 -2.13 33.21 -17.79
C GLY A 343 -3.37 32.34 -17.75
N LEU A 344 -4.54 32.94 -17.62
CA LEU A 344 -5.79 32.21 -17.53
C LEU A 344 -6.65 32.50 -18.76
N ASP A 345 -7.21 31.44 -19.34
CA ASP A 345 -8.15 31.60 -20.46
C ASP A 345 -9.57 31.85 -19.98
N ALA A 346 -9.85 31.62 -18.70
CA ALA A 346 -11.18 31.85 -18.13
C ALA A 346 -11.04 31.92 -16.62
N ILE A 347 -12.04 32.53 -15.98
CA ILE A 347 -12.06 32.71 -14.54
C ILE A 347 -13.43 32.30 -14.01
N LEU A 348 -13.44 31.50 -12.96
CA LEU A 348 -14.68 31.08 -12.29
C LEU A 348 -14.57 31.34 -10.81
N VAL A 349 -15.58 31.99 -10.24
CA VAL A 349 -15.66 32.23 -8.80
C VAL A 349 -16.84 31.43 -8.27
N PRO A 350 -16.61 30.37 -7.51
CA PRO A 350 -17.71 29.54 -7.00
C PRO A 350 -18.31 30.15 -5.73
N GLY A 351 -19.31 29.46 -5.19
CA GLY A 351 -20.03 29.95 -4.04
C GLY A 351 -19.26 29.79 -2.74
N GLY A 352 -19.81 30.41 -1.69
CA GLY A 352 -19.19 30.35 -0.38
C GLY A 352 -19.90 31.28 0.58
N PHE A 353 -19.45 31.23 1.83
CA PHE A 353 -20.01 32.05 2.89
C PHE A 353 -18.87 32.63 3.73
N GLY A 354 -19.10 33.83 4.26
CA GLY A 354 -18.12 34.48 5.09
C GLY A 354 -17.33 35.52 4.33
N TYR A 355 -16.99 36.62 5.02
CA TYR A 355 -16.30 37.74 4.38
C TYR A 355 -14.84 37.44 4.07
N ARG A 356 -14.24 36.44 4.71
CA ARG A 356 -12.83 36.14 4.49
C ARG A 356 -12.60 35.77 3.03
N GLY A 357 -11.78 36.56 2.35
CA GLY A 357 -11.46 36.33 0.96
C GLY A 357 -12.43 36.89 -0.05
N VAL A 358 -13.50 37.56 0.40
CA VAL A 358 -14.49 38.09 -0.52
C VAL A 358 -13.91 39.26 -1.32
N GLU A 359 -13.18 40.15 -0.66
CA GLU A 359 -12.60 41.30 -1.35
C GLU A 359 -11.61 40.86 -2.43
N GLY A 360 -10.98 39.69 -2.26
CA GLY A 360 -10.15 39.15 -3.31
C GLY A 360 -10.96 38.64 -4.49
N MET A 361 -12.19 38.18 -4.23
CA MET A 361 -13.07 37.77 -5.31
C MET A 361 -13.65 38.97 -6.04
N ILE A 362 -13.93 40.06 -5.31
CA ILE A 362 -14.39 41.28 -5.94
C ILE A 362 -13.31 41.85 -6.86
N THR A 363 -12.06 41.79 -6.42
CA THR A 363 -10.95 42.22 -7.27
C THR A 363 -10.78 41.30 -8.46
N THR A 364 -11.01 39.99 -8.27
CA THR A 364 -10.91 39.05 -9.38
C THR A 364 -11.99 39.31 -10.43
N ALA A 365 -13.21 39.60 -10.00
CA ALA A 365 -14.28 39.89 -10.95
C ALA A 365 -13.99 41.15 -11.74
N ARG A 366 -13.44 42.17 -11.08
CA ARG A 366 -13.08 43.40 -11.78
C ARG A 366 -11.98 43.14 -12.82
N PHE A 367 -11.05 42.25 -12.50
CA PHE A 367 -9.96 41.96 -13.43
C PHE A 367 -10.47 41.24 -14.67
N ALA A 368 -11.42 40.31 -14.51
CA ALA A 368 -11.93 39.57 -15.65
C ALA A 368 -12.80 40.46 -16.54
N ARG A 369 -13.56 41.37 -15.92
CA ARG A 369 -14.46 42.24 -16.69
C ARG A 369 -13.67 43.28 -17.49
N GLU A 370 -12.64 43.87 -16.88
CA GLU A 370 -11.88 44.92 -17.55
C GLU A 370 -10.96 44.38 -18.63
N ASN A 371 -10.46 43.16 -18.46
CA ASN A 371 -9.52 42.57 -19.41
C ASN A 371 -10.18 41.61 -20.39
N ASN A 372 -11.51 41.54 -20.39
CA ASN A 372 -12.27 40.70 -21.32
C ASN A 372 -11.84 39.24 -21.24
N ILE A 373 -11.84 38.71 -20.03
CA ILE A 373 -11.54 37.31 -19.76
C ILE A 373 -12.86 36.60 -19.47
N PRO A 374 -13.16 35.47 -20.12
CA PRO A 374 -14.43 34.78 -19.86
C PRO A 374 -14.62 34.48 -18.38
N TYR A 375 -15.76 34.90 -17.84
CA TYR A 375 -16.04 34.84 -16.42
C TYR A 375 -17.35 34.11 -16.18
N LEU A 376 -17.37 33.28 -15.14
CA LEU A 376 -18.59 32.57 -14.72
C LEU A 376 -18.65 32.62 -13.21
N GLY A 377 -19.64 33.33 -12.67
CA GLY A 377 -19.85 33.43 -11.24
C GLY A 377 -21.06 32.60 -10.82
N ILE A 378 -20.93 31.94 -9.67
CA ILE A 378 -21.99 31.08 -9.13
C ILE A 378 -22.27 31.50 -7.69
N CYS A 379 -23.52 31.87 -7.41
CA CYS A 379 -23.96 32.26 -6.08
C CYS A 379 -23.11 33.41 -5.53
N LEU A 380 -22.10 33.08 -4.73
CA LEU A 380 -21.20 34.11 -4.22
C LEU A 380 -20.43 34.78 -5.35
N GLY A 381 -20.06 34.00 -6.37
CA GLY A 381 -19.40 34.57 -7.54
C GLY A 381 -20.26 35.56 -8.30
N MET A 382 -21.58 35.47 -8.15
CA MET A 382 -22.46 36.47 -8.73
C MET A 382 -22.52 37.74 -7.87
N GLN A 383 -22.49 37.57 -6.55
CA GLN A 383 -22.54 38.73 -5.66
C GLN A 383 -21.30 39.61 -5.83
N VAL A 384 -20.12 39.00 -5.91
CA VAL A 384 -18.91 39.79 -6.08
C VAL A 384 -18.88 40.48 -7.43
N ALA A 385 -19.60 39.94 -8.42
CA ALA A 385 -19.71 40.61 -9.70
C ALA A 385 -20.65 41.81 -9.61
N LEU A 386 -21.76 41.66 -8.89
CA LEU A 386 -22.67 42.80 -8.69
C LEU A 386 -22.00 43.88 -7.83
N ILE A 387 -21.21 43.47 -6.84
CA ILE A 387 -20.51 44.44 -6.01
C ILE A 387 -19.45 45.19 -6.83
N ASP A 388 -18.73 44.47 -7.69
CA ASP A 388 -17.72 45.09 -8.52
C ASP A 388 -18.33 46.12 -9.47
N TYR A 389 -19.45 45.77 -10.10
CA TYR A 389 -20.05 46.67 -11.08
C TYR A 389 -20.66 47.89 -10.40
N ALA A 390 -21.26 47.71 -9.22
CA ALA A 390 -21.84 48.84 -8.52
C ALA A 390 -20.78 49.81 -8.02
N ARG A 391 -19.62 49.30 -7.61
CA ARG A 391 -18.56 50.16 -7.12
C ARG A 391 -17.84 50.90 -8.24
N HIS A 392 -17.31 50.15 -9.21
CA HIS A 392 -16.38 50.70 -10.18
C HIS A 392 -17.04 51.15 -11.48
N VAL A 393 -18.37 51.10 -11.58
CA VAL A 393 -19.07 51.58 -12.76
C VAL A 393 -20.20 52.49 -12.33
N ALA A 394 -21.06 52.02 -11.43
CA ALA A 394 -22.17 52.81 -10.93
C ALA A 394 -21.75 53.85 -9.89
N ASN A 395 -20.47 53.85 -9.48
CA ASN A 395 -19.93 54.80 -8.53
C ASN A 395 -20.71 54.78 -7.21
N MET A 396 -20.93 53.57 -6.70
CA MET A 396 -21.50 53.36 -5.37
C MET A 396 -20.35 53.04 -4.42
N GLU A 397 -19.87 54.07 -3.72
CA GLU A 397 -18.70 53.91 -2.87
C GLU A 397 -18.93 52.85 -1.80
N ASN A 398 -17.99 51.91 -1.70
CA ASN A 398 -18.01 50.88 -0.66
C ASN A 398 -19.28 50.03 -0.70
N ALA A 399 -19.86 49.87 -1.90
CA ALA A 399 -21.01 48.99 -2.04
C ALA A 399 -20.62 47.56 -1.65
N ASN A 400 -21.48 46.92 -0.87
CA ASN A 400 -21.14 45.62 -0.31
C ASN A 400 -22.42 44.86 -0.03
N SER A 401 -22.29 43.75 0.68
CA SER A 401 -23.43 42.93 1.11
C SER A 401 -23.57 43.02 2.62
N THR A 402 -24.82 43.03 3.10
CA THR A 402 -25.06 43.08 4.53
C THR A 402 -24.52 41.86 5.26
N GLU A 403 -24.29 40.77 4.54
CA GLU A 403 -23.65 39.60 5.15
C GLU A 403 -22.24 39.93 5.63
N PHE A 404 -21.57 40.87 4.96
CA PHE A 404 -20.19 41.23 5.28
C PHE A 404 -20.06 42.59 5.96
N VAL A 405 -20.77 43.60 5.48
CA VAL A 405 -20.80 44.92 6.12
C VAL A 405 -22.26 45.30 6.32
N PRO A 406 -22.82 45.09 7.53
CA PRO A 406 -24.26 45.33 7.72
C PRO A 406 -24.67 46.79 7.55
N ASP A 407 -23.85 47.73 8.01
CA ASP A 407 -24.19 49.15 7.97
CA ASP A 407 -24.19 49.15 7.97
C ASP A 407 -23.55 49.86 6.78
N CYS A 408 -23.49 49.20 5.63
CA CYS A 408 -22.95 49.84 4.43
C CYS A 408 -23.99 50.76 3.80
N LYS A 409 -23.51 51.75 3.05
CA LYS A 409 -24.41 52.73 2.47
C LYS A 409 -25.18 52.16 1.29
N TYR A 410 -24.53 51.31 0.49
CA TYR A 410 -25.15 50.71 -0.70
C TYR A 410 -25.21 49.20 -0.51
N PRO A 411 -26.22 48.68 0.20
CA PRO A 411 -26.37 47.22 0.36
C PRO A 411 -26.99 46.58 -0.88
N VAL A 412 -26.17 46.41 -1.92
CA VAL A 412 -26.65 45.86 -3.18
C VAL A 412 -27.06 44.40 -3.03
N VAL A 413 -26.53 43.70 -2.03
CA VAL A 413 -26.92 42.33 -1.73
C VAL A 413 -27.32 42.26 -0.26
N ALA A 414 -28.54 41.80 0.00
CA ALA A 414 -29.05 41.74 1.36
C ALA A 414 -30.26 40.82 1.39
N LEU A 415 -30.67 40.46 2.60
CA LEU A 415 -31.91 39.74 2.79
C LEU A 415 -33.09 40.60 2.38
N ILE A 416 -34.18 39.94 1.97
CA ILE A 416 -35.38 40.68 1.58
C ILE A 416 -35.90 41.53 2.73
N THR A 417 -35.68 41.08 3.97
CA THR A 417 -36.09 41.85 5.15
C THR A 417 -35.26 43.11 5.32
N GLU A 418 -34.05 43.17 4.76
CA GLU A 418 -33.14 44.27 4.97
C GLU A 418 -33.11 45.29 3.84
N TRP A 419 -33.93 45.10 2.81
CA TRP A 419 -33.82 45.94 1.61
C TRP A 419 -34.02 47.41 1.94
N ARG A 420 -33.00 48.21 1.68
CA ARG A 420 -33.04 49.65 1.87
C ARG A 420 -32.28 50.31 0.71
N ASP A 421 -32.08 51.62 0.80
CA ASP A 421 -31.34 52.36 -0.22
C ASP A 421 -30.22 53.13 0.47
N GLU A 422 -29.63 54.08 -0.27
CA GLU A 422 -28.56 54.91 0.30
C GLU A 422 -29.10 55.92 1.31
N ASN A 423 -30.37 56.30 1.20
CA ASN A 423 -30.98 57.23 2.14
C ASN A 423 -31.54 56.54 3.37
N GLY A 424 -31.66 55.20 3.34
CA GLY A 424 -32.24 54.45 4.44
C GLY A 424 -33.70 54.09 4.26
N ASN A 425 -34.33 54.51 3.16
CA ASN A 425 -35.74 54.24 2.94
C ASN A 425 -35.97 52.76 2.64
N VAL A 426 -37.13 52.26 3.05
CA VAL A 426 -37.49 50.86 2.85
C VAL A 426 -38.73 50.78 1.97
N GLU A 427 -39.21 49.56 1.73
CA GLU A 427 -40.39 49.34 0.90
C GLU A 427 -41.63 49.20 1.78
N VAL A 428 -42.79 49.13 1.12
CA VAL A 428 -44.06 48.96 1.80
C VAL A 428 -44.32 47.48 2.06
N THR A 438 -34.27 32.11 6.41
CA THR A 438 -35.05 31.80 5.21
C THR A 438 -34.12 31.39 4.07
N MET A 439 -33.55 30.20 4.19
CA MET A 439 -32.63 29.67 3.20
C MET A 439 -33.40 29.09 2.03
N ARG A 440 -33.15 29.59 0.83
CA ARG A 440 -33.76 29.02 -0.38
C ARG A 440 -32.99 27.78 -0.79
N LEU A 441 -33.67 26.64 -0.81
CA LEU A 441 -33.05 25.35 -1.11
C LEU A 441 -33.90 24.58 -2.11
N GLY A 442 -33.25 23.98 -3.09
CA GLY A 442 -33.91 23.08 -4.01
C GLY A 442 -34.14 23.70 -5.38
N ALA A 443 -34.85 22.93 -6.20
CA ALA A 443 -35.12 23.32 -7.57
C ALA A 443 -36.21 24.38 -7.63
N GLN A 444 -36.01 25.37 -8.50
CA GLN A 444 -36.99 26.42 -8.72
C GLN A 444 -36.92 26.86 -10.18
N GLN A 445 -38.08 27.18 -10.74
CA GLN A 445 -38.17 27.61 -12.13
C GLN A 445 -37.65 29.04 -12.28
N CYS A 446 -36.95 29.30 -13.37
CA CYS A 446 -36.38 30.60 -13.66
CA CYS A 446 -36.39 30.60 -13.65
C CYS A 446 -36.77 31.03 -15.07
N GLN A 447 -37.19 32.29 -15.21
CA GLN A 447 -37.61 32.83 -16.49
C GLN A 447 -36.44 33.60 -17.11
N LEU A 448 -36.05 33.20 -18.32
CA LEU A 448 -34.94 33.83 -19.02
C LEU A 448 -35.44 34.99 -19.87
N VAL A 449 -34.64 36.05 -19.92
CA VAL A 449 -34.98 37.27 -20.66
C VAL A 449 -34.57 37.09 -22.11
N ASP A 450 -35.40 37.56 -23.03
CA ASP A 450 -35.09 37.49 -24.45
C ASP A 450 -33.86 38.33 -24.77
N ASP A 451 -33.21 37.97 -25.87
CA ASP A 451 -31.99 38.63 -26.35
C ASP A 451 -30.85 38.57 -25.35
N SER A 452 -30.90 37.64 -24.40
CA SER A 452 -29.81 37.42 -23.46
C SER A 452 -28.97 36.23 -23.89
N LEU A 453 -27.75 36.16 -23.36
CA LEU A 453 -26.85 35.08 -23.72
C LEU A 453 -27.35 33.74 -23.23
N VAL A 454 -27.92 33.69 -22.03
CA VAL A 454 -28.39 32.43 -21.46
C VAL A 454 -29.69 31.99 -22.14
N ARG A 455 -30.47 32.93 -22.67
CA ARG A 455 -31.67 32.55 -23.41
C ARG A 455 -31.34 31.72 -24.64
N GLN A 456 -30.17 31.95 -25.23
CA GLN A 456 -29.73 31.18 -26.39
C GLN A 456 -29.01 29.90 -25.97
N LEU A 457 -28.24 29.93 -24.88
CA LEU A 457 -27.54 28.74 -24.43
C LEU A 457 -28.52 27.65 -23.98
N TYR A 458 -29.46 28.01 -23.11
CA TYR A 458 -30.47 27.05 -22.68
C TYR A 458 -31.49 26.73 -23.77
N ASN A 459 -31.66 27.63 -24.74
CA ASN A 459 -32.61 27.45 -25.84
C ASN A 459 -34.00 27.11 -25.31
N ALA A 460 -34.45 27.93 -24.36
CA ALA A 460 -35.75 27.72 -23.72
C ALA A 460 -36.13 28.99 -22.98
N PRO A 461 -37.43 29.29 -22.87
CA PRO A 461 -37.83 30.47 -22.10
C PRO A 461 -37.71 30.28 -20.60
N THR A 462 -37.89 29.05 -20.11
CA THR A 462 -37.82 28.77 -18.69
C THR A 462 -36.89 27.59 -18.44
N ILE A 463 -36.22 27.61 -17.28
CA ILE A 463 -35.32 26.54 -16.87
C ILE A 463 -35.57 26.23 -15.40
N VAL A 464 -34.95 25.16 -14.92
CA VAL A 464 -35.06 24.72 -13.53
C VAL A 464 -33.65 24.45 -13.01
N GLU A 465 -33.26 25.16 -11.95
CA GLU A 465 -31.97 24.98 -11.31
C GLU A 465 -32.18 24.94 -9.79
N ARG A 466 -31.12 24.60 -9.07
CA ARG A 466 -31.18 24.38 -7.63
C ARG A 466 -30.46 25.49 -6.89
N HIS A 467 -31.04 25.91 -5.75
CA HIS A 467 -30.56 27.04 -4.97
C HIS A 467 -29.98 26.59 -3.63
N ARG A 468 -29.15 27.47 -3.06
CA ARG A 468 -28.66 27.29 -1.69
C ARG A 468 -28.01 28.62 -1.28
N HIS A 469 -28.83 29.53 -0.77
CA HIS A 469 -28.37 30.87 -0.42
C HIS A 469 -29.43 31.57 0.41
N ARG A 470 -29.02 32.65 1.07
CA ARG A 470 -29.91 33.52 1.83
C ARG A 470 -30.02 34.91 1.24
N TYR A 471 -28.90 35.52 0.87
CA TYR A 471 -28.87 36.92 0.48
C TYR A 471 -29.16 37.07 -1.00
N GLU A 472 -30.02 38.03 -1.33
CA GLU A 472 -30.51 38.25 -2.68
C GLU A 472 -30.06 39.63 -3.18
N VAL A 473 -30.34 39.88 -4.46
CA VAL A 473 -30.03 41.18 -5.06
C VAL A 473 -31.05 42.20 -4.59
N ASN A 474 -30.56 43.31 -4.05
CA ASN A 474 -31.43 44.38 -3.57
C ASN A 474 -32.12 45.04 -4.75
N ASN A 475 -33.42 44.78 -4.91
CA ASN A 475 -34.18 45.38 -6.01
C ASN A 475 -34.34 46.88 -5.85
N MET A 476 -34.09 47.44 -4.66
CA MET A 476 -34.19 48.88 -4.49
C MET A 476 -33.01 49.61 -5.12
N LEU A 477 -31.84 48.97 -5.17
CA LEU A 477 -30.66 49.55 -5.79
C LEU A 477 -30.35 48.96 -7.16
N LEU A 478 -31.23 48.10 -7.68
CA LEU A 478 -30.93 47.39 -8.93
C LEU A 478 -31.06 48.30 -10.15
N LYS A 479 -32.08 49.16 -10.18
CA LYS A 479 -32.32 49.96 -11.38
C LYS A 479 -31.19 50.96 -11.62
N GLN A 480 -30.51 51.39 -10.57
CA GLN A 480 -29.37 52.29 -10.76
C GLN A 480 -28.18 51.53 -11.36
N ILE A 481 -27.99 50.28 -10.96
CA ILE A 481 -26.93 49.47 -11.56
C ILE A 481 -27.27 49.14 -13.00
N GLU A 482 -28.55 48.93 -13.30
CA GLU A 482 -28.96 48.65 -14.67
C GLU A 482 -28.72 49.85 -15.58
N ASP A 483 -28.90 51.06 -15.05
CA ASP A 483 -28.62 52.26 -15.83
C ASP A 483 -27.14 52.40 -16.16
N ALA A 484 -26.26 51.76 -15.38
CA ALA A 484 -24.83 51.80 -15.63
C ALA A 484 -24.37 50.79 -16.67
N GLY A 485 -25.28 49.94 -17.17
CA GLY A 485 -24.96 49.00 -18.22
C GLY A 485 -25.18 47.54 -17.87
N LEU A 486 -25.33 47.21 -16.59
CA LEU A 486 -25.51 45.83 -16.20
C LEU A 486 -26.85 45.29 -16.69
N ARG A 487 -26.87 44.02 -17.08
CA ARG A 487 -28.04 43.38 -17.68
C ARG A 487 -28.58 42.32 -16.74
N VAL A 488 -29.91 42.27 -16.63
CA VAL A 488 -30.60 41.21 -15.89
C VAL A 488 -31.08 40.19 -16.91
N ALA A 489 -30.62 38.94 -16.76
CA ALA A 489 -30.93 37.90 -17.72
C ALA A 489 -31.96 36.90 -17.22
N GLY A 490 -32.24 36.85 -15.92
CA GLY A 490 -33.19 35.89 -15.39
C GLY A 490 -33.81 36.26 -14.07
N ARG A 491 -35.12 36.04 -13.95
CA ARG A 491 -35.85 36.29 -12.72
CA ARG A 491 -35.85 36.29 -12.71
C ARG A 491 -36.66 35.05 -12.35
N SER A 492 -37.11 35.01 -11.10
CA SER A 492 -37.85 33.85 -10.62
C SER A 492 -38.89 34.28 -9.59
N GLY A 493 -39.90 33.43 -9.43
CA GLY A 493 -40.90 33.59 -8.39
C GLY A 493 -41.77 34.82 -8.56
N ASP A 494 -42.33 35.26 -7.42
CA ASP A 494 -43.20 36.43 -7.38
C ASP A 494 -42.42 37.73 -7.22
N ASP A 495 -41.49 37.76 -6.28
CA ASP A 495 -40.73 38.97 -5.98
C ASP A 495 -39.77 39.37 -7.09
N GLN A 496 -39.74 38.64 -8.20
CA GLN A 496 -38.86 38.94 -9.33
C GLN A 496 -37.40 39.06 -8.88
N LEU A 497 -36.98 38.08 -8.08
CA LEU A 497 -35.60 38.06 -7.61
C LEU A 497 -34.66 37.80 -8.77
N VAL A 498 -33.56 38.55 -8.79
CA VAL A 498 -32.58 38.42 -9.88
C VAL A 498 -31.85 37.09 -9.72
N GLU A 499 -31.89 36.27 -10.77
CA GLU A 499 -31.22 34.98 -10.78
C GLU A 499 -29.96 34.96 -11.63
N ILE A 500 -29.96 35.66 -12.77
CA ILE A 500 -28.81 35.70 -13.67
C ILE A 500 -28.55 37.14 -14.08
N ILE A 501 -27.28 37.53 -14.10
CA ILE A 501 -26.86 38.83 -14.61
C ILE A 501 -25.80 38.62 -15.68
N GLU A 502 -25.72 39.57 -16.60
CA GLU A 502 -24.76 39.51 -17.69
C GLU A 502 -24.17 40.90 -17.93
N VAL A 503 -22.92 40.94 -18.35
CA VAL A 503 -22.25 42.19 -18.67
C VAL A 503 -22.05 42.26 -20.17
N PRO A 504 -22.85 43.05 -20.89
CA PRO A 504 -22.63 43.23 -22.33
C PRO A 504 -21.29 43.90 -22.59
N ASN A 505 -20.91 43.93 -23.88
CA ASN A 505 -19.61 44.43 -24.31
C ASN A 505 -18.47 43.65 -23.66
N HIS A 506 -18.67 42.33 -23.56
CA HIS A 506 -17.70 41.40 -23.01
C HIS A 506 -17.90 40.10 -23.76
N PRO A 507 -16.83 39.38 -24.09
CA PRO A 507 -17.00 38.13 -24.87
C PRO A 507 -17.87 37.10 -24.18
N TRP A 508 -17.74 36.96 -22.86
CA TRP A 508 -18.56 36.00 -22.11
C TRP A 508 -18.50 36.31 -20.62
N PHE A 509 -19.57 36.86 -20.06
CA PHE A 509 -19.63 37.24 -18.66
C PHE A 509 -21.03 36.93 -18.14
N VAL A 510 -21.16 35.80 -17.43
CA VAL A 510 -22.43 35.35 -16.90
C VAL A 510 -22.26 35.03 -15.43
N ALA A 511 -23.23 35.43 -14.61
CA ALA A 511 -23.24 35.15 -13.19
C ALA A 511 -24.65 34.78 -12.77
N CYS A 512 -24.79 33.68 -12.03
CA CYS A 512 -26.09 33.16 -11.66
C CYS A 512 -26.14 32.88 -10.17
N GLN A 513 -27.36 32.99 -9.61
CA GLN A 513 -27.55 32.78 -8.18
C GLN A 513 -27.61 31.30 -7.82
N PHE A 514 -28.19 30.48 -8.70
CA PHE A 514 -28.33 29.05 -8.45
C PHE A 514 -27.00 28.34 -8.67
N HIS A 515 -26.99 27.04 -8.38
CA HIS A 515 -25.82 26.18 -8.56
C HIS A 515 -26.04 25.29 -9.78
N PRO A 516 -25.56 25.69 -10.96
CA PRO A 516 -25.79 24.85 -12.16
C PRO A 516 -24.99 23.57 -12.17
N GLU A 517 -23.95 23.46 -11.34
CA GLU A 517 -23.11 22.27 -11.34
C GLU A 517 -23.85 21.04 -10.83
N PHE A 518 -24.96 21.22 -10.10
CA PHE A 518 -25.70 20.10 -9.56
C PHE A 518 -26.57 19.40 -10.59
N THR A 519 -26.74 19.98 -11.79
CA THR A 519 -27.52 19.36 -12.84
C THR A 519 -26.68 18.87 -14.01
N SER A 520 -25.36 19.06 -13.96
CA SER A 520 -24.48 18.66 -15.04
C SER A 520 -24.07 17.20 -14.88
N THR A 521 -24.04 16.47 -15.99
CA THR A 521 -23.64 15.08 -16.05
C THR A 521 -22.64 14.90 -17.18
N PRO A 522 -21.81 13.86 -17.13
CA PRO A 522 -20.85 13.65 -18.23
C PRO A 522 -21.52 13.24 -19.54
N ARG A 523 -22.66 12.56 -19.49
CA ARG A 523 -23.31 12.14 -20.72
C ARG A 523 -24.12 13.25 -21.37
N ASP A 524 -24.60 14.22 -20.59
CA ASP A 524 -25.44 15.28 -21.11
C ASP A 524 -24.83 16.67 -20.98
N GLY A 525 -23.77 16.84 -20.19
CA GLY A 525 -23.16 18.15 -20.04
C GLY A 525 -24.10 19.15 -19.38
N HIS A 526 -23.84 20.43 -19.66
CA HIS A 526 -24.66 21.50 -19.17
C HIS A 526 -24.51 22.67 -20.13
N PRO A 527 -25.62 23.31 -20.54
CA PRO A 527 -25.50 24.39 -21.53
C PRO A 527 -24.64 25.55 -21.08
N LEU A 528 -24.63 25.86 -19.77
CA LEU A 528 -23.87 27.00 -19.29
C LEU A 528 -22.37 26.70 -19.31
N PHE A 529 -21.97 25.54 -18.78
CA PHE A 529 -20.56 25.19 -18.75
C PHE A 529 -20.02 24.92 -20.15
N ALA A 530 -20.85 24.38 -21.04
CA ALA A 530 -20.41 24.14 -22.41
C ALA A 530 -20.05 25.45 -23.11
N GLY A 531 -20.89 26.47 -22.95
CA GLY A 531 -20.57 27.78 -23.54
C GLY A 531 -19.44 28.48 -22.83
N PHE A 532 -19.26 28.21 -21.54
CA PHE A 532 -18.17 28.84 -20.79
C PHE A 532 -16.82 28.29 -21.22
N VAL A 533 -16.71 26.96 -21.33
CA VAL A 533 -15.46 26.35 -21.77
C VAL A 533 -15.20 26.69 -23.24
N LYS A 534 -16.26 26.74 -24.05
CA LYS A 534 -16.10 27.09 -25.45
C LYS A 534 -15.56 28.50 -25.62
N ALA A 535 -16.04 29.44 -24.80
CA ALA A 535 -15.52 30.80 -24.85
C ALA A 535 -14.09 30.87 -24.34
N ALA A 536 -13.69 29.92 -23.48
CA ALA A 536 -12.32 29.91 -22.99
C ALA A 536 -11.34 29.53 -24.09
N SER A 537 -11.72 28.59 -24.96
CA SER A 537 -10.85 28.22 -26.06
C SER A 537 -10.78 29.30 -27.12
N GLU A 538 -11.86 30.07 -27.29
CA GLU A 538 -11.81 31.20 -28.22
C GLU A 538 -10.87 32.28 -27.72
N PHE A 539 -10.87 32.55 -26.41
CA PHE A 539 -9.93 33.51 -25.85
C PHE A 539 -8.50 33.02 -26.00
N GLN A 540 -8.26 31.72 -25.83
CA GLN A 540 -6.91 31.18 -25.95
C GLN A 540 -6.42 31.25 -27.39
N LYS A 541 -7.31 31.00 -28.36
CA LYS A 541 -6.91 31.07 -29.76
C LYS A 541 -6.61 32.50 -30.19
N ARG A 542 -7.31 33.49 -29.60
CA ARG A 542 -7.06 34.89 -29.93
C ARG A 542 -5.72 35.41 -29.41
N GLN A 543 -4.88 34.53 -28.86
CA GLN A 543 -3.56 34.91 -28.40
C GLN A 543 -2.49 34.34 -29.33
N ALA A 544 -2.69 34.48 -30.64
CA ALA A 544 -1.77 33.93 -31.63
C ALA A 544 -0.41 34.62 -31.58
N MET B 1 23.08 -8.08 36.95
CA MET B 1 22.68 -8.07 35.54
C MET B 1 21.42 -8.89 35.32
N THR B 2 20.30 -8.20 35.08
CA THR B 2 19.03 -8.84 34.77
C THR B 2 18.83 -8.80 33.26
N THR B 3 18.62 -9.97 32.67
CA THR B 3 18.46 -10.05 31.22
C THR B 3 17.14 -9.43 30.79
N ASN B 4 17.20 -8.52 29.82
CA ASN B 4 16.03 -7.86 29.28
C ASN B 4 15.59 -8.52 27.98
N TYR B 5 14.29 -8.44 27.69
CA TYR B 5 13.71 -9.06 26.51
C TYR B 5 12.93 -8.05 25.70
N ILE B 6 13.08 -8.10 24.38
CA ILE B 6 12.36 -7.23 23.46
C ILE B 6 11.63 -8.15 22.48
N PHE B 7 10.32 -8.32 22.67
CA PHE B 7 9.53 -9.17 21.80
C PHE B 7 9.11 -8.38 20.56
N VAL B 8 9.35 -8.96 19.39
CA VAL B 8 9.12 -8.29 18.11
C VAL B 8 8.05 -9.08 17.34
N THR B 9 6.94 -8.42 17.03
CA THR B 9 5.85 -9.01 16.26
C THR B 9 5.50 -8.10 15.09
N GLY B 10 4.59 -8.55 14.25
CA GLY B 10 4.18 -7.79 13.08
C GLY B 10 2.74 -8.06 12.73
N GLY B 11 2.07 -7.06 12.17
CA GLY B 11 0.67 -7.19 11.80
C GLY B 11 0.34 -6.73 10.39
N VAL B 12 -0.96 -6.70 10.08
CA VAL B 12 -1.47 -6.27 8.78
C VAL B 12 -1.04 -7.23 7.68
N VAL B 13 0.28 -7.30 7.43
CA VAL B 13 0.84 -8.19 6.41
C VAL B 13 2.04 -8.91 7.00
N SER B 14 2.53 -9.89 6.25
CA SER B 14 3.64 -10.73 6.71
C SER B 14 5.01 -10.16 6.33
N SER B 15 5.13 -9.59 5.13
CA SER B 15 6.42 -9.16 4.60
C SER B 15 6.77 -7.75 5.08
N LEU B 16 6.86 -7.61 6.40
CA LEU B 16 7.21 -6.34 7.02
C LEU B 16 8.72 -6.18 7.23
N GLY B 17 9.47 -7.28 7.23
CA GLY B 17 10.89 -7.22 7.51
C GLY B 17 11.19 -7.20 8.99
N LYS B 18 10.58 -8.14 9.74
CA LYS B 18 10.77 -8.17 11.18
C LYS B 18 12.21 -8.52 11.56
N GLY B 19 12.81 -9.48 10.85
CA GLY B 19 14.16 -9.89 11.19
C GLY B 19 15.19 -8.80 10.95
N ILE B 20 15.06 -8.07 9.85
CA ILE B 20 16.01 -7.01 9.55
C ILE B 20 15.91 -5.88 10.56
N ALA B 21 14.68 -5.54 10.97
CA ALA B 21 14.50 -4.51 11.98
C ALA B 21 15.06 -4.94 13.33
N ALA B 22 14.90 -6.22 13.67
CA ALA B 22 15.45 -6.72 14.92
C ALA B 22 16.98 -6.73 14.89
N ALA B 23 17.57 -7.12 13.76
CA ALA B 23 19.03 -7.13 13.67
C ALA B 23 19.59 -5.72 13.67
N SER B 24 18.89 -4.79 13.02
CA SER B 24 19.34 -3.40 12.99
C SER B 24 19.29 -2.79 14.39
N LEU B 25 18.20 -3.03 15.12
CA LEU B 25 18.11 -2.55 16.49
C LEU B 25 19.16 -3.19 17.38
N ALA B 26 19.47 -4.47 17.14
CA ALA B 26 20.51 -5.14 17.90
C ALA B 26 21.89 -4.58 17.60
N ALA B 27 22.10 -4.10 16.37
CA ALA B 27 23.38 -3.52 16.01
C ALA B 27 23.63 -2.20 16.74
N ILE B 28 22.56 -1.45 17.04
CA ILE B 28 22.71 -0.21 17.78
C ILE B 28 23.07 -0.49 19.24
N LEU B 29 22.34 -1.42 19.86
CA LEU B 29 22.60 -1.74 21.26
C LEU B 29 24.00 -2.32 21.45
N GLU B 30 24.43 -3.17 20.51
CA GLU B 30 25.79 -3.70 20.57
C GLU B 30 26.82 -2.60 20.36
N ALA B 31 26.51 -1.61 19.52
CA ALA B 31 27.40 -0.47 19.32
C ALA B 31 27.56 0.38 20.57
N ARG B 32 26.69 0.20 21.57
CA ARG B 32 26.79 0.90 22.84
C ARG B 32 27.48 0.06 23.91
N GLY B 33 28.04 -1.09 23.53
CA GLY B 33 28.75 -1.94 24.46
C GLY B 33 27.93 -3.00 25.15
N LEU B 34 26.72 -3.28 24.65
CA LEU B 34 25.84 -4.24 25.29
C LEU B 34 25.99 -5.62 24.64
N ASN B 35 25.86 -6.66 25.45
CA ASN B 35 25.84 -8.03 24.96
C ASN B 35 24.42 -8.37 24.54
N VAL B 36 24.21 -8.53 23.23
CA VAL B 36 22.87 -8.74 22.69
C VAL B 36 22.84 -10.04 21.89
N THR B 37 21.64 -10.59 21.74
CA THR B 37 21.43 -11.78 20.93
C THR B 37 20.01 -11.76 20.39
N ILE B 38 19.78 -12.55 19.33
CA ILE B 38 18.51 -12.55 18.63
C ILE B 38 17.99 -13.98 18.53
N MET B 39 16.66 -14.13 18.53
CA MET B 39 16.00 -15.41 18.38
C MET B 39 14.90 -15.29 17.33
N LYS B 40 14.54 -16.42 16.75
CA LYS B 40 13.52 -16.50 15.72
C LYS B 40 12.58 -17.67 16.02
N LEU B 41 11.29 -17.38 16.14
CA LEU B 41 10.28 -18.39 16.42
C LEU B 41 9.40 -18.57 15.17
N ASP B 42 9.58 -19.69 14.49
CA ASP B 42 8.84 -19.98 13.27
C ASP B 42 7.60 -20.80 13.58
N PRO B 43 6.42 -20.41 13.08
CA PRO B 43 5.21 -21.17 13.39
C PRO B 43 4.98 -22.36 12.46
N TYR B 44 6.03 -22.81 11.76
CA TYR B 44 5.88 -23.95 10.87
C TYR B 44 5.89 -25.26 11.64
N ILE B 45 5.35 -26.30 11.01
CA ILE B 45 5.34 -27.64 11.60
C ILE B 45 6.64 -28.39 11.30
N ASN B 46 7.44 -27.92 10.35
CA ASN B 46 8.73 -28.54 10.07
C ASN B 46 9.59 -28.53 11.32
N VAL B 47 10.26 -29.65 11.58
CA VAL B 47 11.16 -29.73 12.75
C VAL B 47 12.33 -28.78 12.59
N ASP B 48 12.87 -28.68 11.38
CA ASP B 48 13.92 -27.73 11.06
C ASP B 48 13.92 -27.52 9.55
N PRO B 49 14.48 -26.39 9.07
CA PRO B 49 14.49 -26.15 7.62
C PRO B 49 15.30 -27.15 6.81
N GLY B 50 15.87 -28.18 7.43
CA GLY B 50 16.68 -29.13 6.67
C GLY B 50 15.90 -29.88 5.61
N THR B 51 14.60 -30.08 5.82
CA THR B 51 13.77 -30.76 4.84
C THR B 51 13.16 -29.83 3.81
N MET B 52 13.06 -28.53 4.12
CA MET B 52 12.38 -27.60 3.23
C MET B 52 13.20 -27.36 1.97
N SER B 53 12.50 -27.19 0.85
CA SER B 53 13.16 -27.07 -0.44
C SER B 53 13.79 -25.68 -0.59
N PRO B 54 14.95 -25.57 -1.25
CA PRO B 54 15.55 -24.24 -1.43
C PRO B 54 14.72 -23.32 -2.31
N ILE B 55 14.00 -23.86 -3.29
CA ILE B 55 13.26 -23.05 -4.25
C ILE B 55 11.91 -22.66 -3.68
N GLN B 56 11.65 -23.01 -2.42
CA GLN B 56 10.37 -22.70 -1.80
C GLN B 56 10.50 -21.88 -0.53
N HIS B 57 11.54 -22.12 0.28
CA HIS B 57 11.73 -21.40 1.52
C HIS B 57 12.94 -20.48 1.52
N GLY B 58 13.96 -20.79 0.73
CA GLY B 58 15.16 -20.00 0.70
C GLY B 58 16.39 -20.82 1.04
N GLU B 59 17.49 -20.16 1.35
CA GLU B 59 18.71 -20.87 1.69
C GLU B 59 18.59 -21.51 3.07
N VAL B 60 19.35 -22.57 3.27
CA VAL B 60 19.45 -23.25 4.55
C VAL B 60 20.72 -22.76 5.23
N PHE B 61 20.55 -21.94 6.27
CA PHE B 61 21.71 -21.38 6.97
C PHE B 61 22.28 -22.40 7.94
N VAL B 62 23.62 -22.43 8.02
CA VAL B 62 24.33 -23.38 8.87
C VAL B 62 25.12 -22.58 9.90
N THR B 63 24.83 -22.81 11.18
CA THR B 63 25.56 -22.15 12.26
C THR B 63 26.86 -22.88 12.53
N GLU B 64 27.64 -22.36 13.47
CA GLU B 64 28.93 -22.95 13.80
C GLU B 64 28.77 -24.38 14.30
N ASP B 65 27.80 -24.61 15.20
CA ASP B 65 27.64 -25.92 15.82
C ASP B 65 27.08 -26.97 14.87
N GLY B 66 26.68 -26.59 13.67
CA GLY B 66 26.15 -27.54 12.71
C GLY B 66 24.65 -27.60 12.60
N ALA B 67 23.94 -26.56 13.02
CA ALA B 67 22.48 -26.54 12.97
C ALA B 67 22.00 -25.97 11.65
N GLU B 68 20.98 -26.62 11.07
CA GLU B 68 20.34 -26.13 9.86
C GLU B 68 19.16 -25.25 10.27
N THR B 69 19.27 -23.95 10.01
CA THR B 69 18.33 -22.97 10.53
C THR B 69 17.74 -22.15 9.39
N ASP B 70 16.78 -21.30 9.75
CA ASP B 70 16.21 -20.34 8.82
C ASP B 70 17.26 -19.30 8.43
N LEU B 71 17.10 -18.73 7.23
CA LEU B 71 18.09 -17.78 6.73
C LEU B 71 18.12 -16.48 7.53
N ASP B 72 17.12 -16.22 8.37
CA ASP B 72 17.13 -15.00 9.18
C ASP B 72 18.33 -14.96 10.12
N LEU B 73 18.85 -16.13 10.51
CA LEU B 73 20.07 -16.16 11.29
C LEU B 73 21.27 -15.69 10.48
N GLY B 74 21.16 -15.65 9.15
CA GLY B 74 22.20 -15.04 8.35
C GLY B 74 22.21 -13.53 8.48
N HIS B 75 21.02 -12.91 8.51
CA HIS B 75 20.93 -11.48 8.80
C HIS B 75 21.46 -11.17 10.19
N TYR B 76 21.22 -12.06 11.15
CA TYR B 76 21.64 -11.82 12.53
C TYR B 76 23.16 -11.73 12.63
N GLU B 77 23.85 -12.72 12.06
CA GLU B 77 25.31 -12.74 12.14
C GLU B 77 25.96 -11.65 11.29
N ARG B 78 25.23 -11.07 10.34
CA ARG B 78 25.75 -9.97 9.53
C ARG B 78 25.52 -8.62 10.17
N PHE B 79 24.86 -8.56 11.33
CA PHE B 79 24.64 -7.30 12.03
C PHE B 79 25.29 -7.24 13.41
N ILE B 80 25.46 -8.36 14.10
CA ILE B 80 26.06 -8.39 15.42
C ILE B 80 27.15 -9.45 15.47
N ARG B 81 28.07 -9.29 16.43
CA ARG B 81 29.21 -10.19 16.57
C ARG B 81 28.83 -11.52 17.23
N THR B 82 27.71 -11.57 17.95
CA THR B 82 27.32 -12.78 18.66
C THR B 82 27.07 -13.92 17.68
N LYS B 83 27.67 -15.07 17.95
CA LYS B 83 27.51 -16.23 17.08
C LYS B 83 26.20 -16.94 17.37
N MET B 84 25.47 -17.27 16.31
CA MET B 84 24.22 -18.01 16.46
C MET B 84 24.50 -19.49 16.69
N SER B 85 23.49 -20.18 17.21
CA SER B 85 23.59 -21.61 17.51
C SER B 85 22.21 -22.22 17.34
N ARG B 86 22.10 -23.49 17.73
CA ARG B 86 20.81 -24.19 17.65
C ARG B 86 19.76 -23.54 18.55
N ARG B 87 20.18 -22.84 19.60
CA ARG B 87 19.25 -22.24 20.56
C ARG B 87 18.61 -20.96 20.05
N ASN B 88 18.94 -20.50 18.85
CA ASN B 88 18.47 -19.21 18.35
C ASN B 88 17.38 -19.35 17.30
N ASN B 89 16.86 -20.55 17.07
CA ASN B 89 15.82 -20.75 16.07
C ASN B 89 15.15 -22.09 16.30
N PHE B 90 13.86 -22.07 16.59
CA PHE B 90 13.08 -23.30 16.73
C PHE B 90 11.68 -23.06 16.19
N THR B 91 11.03 -24.14 15.78
CA THR B 91 9.72 -24.08 15.14
C THR B 91 8.67 -24.75 16.01
N THR B 92 7.41 -24.61 15.60
CA THR B 92 6.32 -25.27 16.29
C THR B 92 6.49 -26.78 16.26
N GLY B 93 6.98 -27.32 15.14
CA GLY B 93 7.22 -28.76 15.06
C GLY B 93 8.24 -29.22 16.08
N ARG B 94 9.27 -28.41 16.32
CA ARG B 94 10.25 -28.75 17.35
C ARG B 94 9.62 -28.75 18.73
N ILE B 95 8.74 -27.79 19.01
CA ILE B 95 8.09 -27.72 20.32
C ILE B 95 7.23 -28.97 20.55
N TYR B 96 6.37 -29.29 19.58
CA TYR B 96 5.53 -30.48 19.71
C TYR B 96 6.36 -31.76 19.73
N SER B 97 7.48 -31.80 19.01
CA SER B 97 8.33 -32.98 19.03
C SER B 97 8.96 -33.16 20.41
N ASP B 98 9.30 -32.06 21.09
CA ASP B 98 9.86 -32.15 22.44
C ASP B 98 8.80 -32.63 23.44
N VAL B 99 7.61 -32.02 23.39
CA VAL B 99 6.56 -32.35 24.35
C VAL B 99 6.12 -33.80 24.19
N LEU B 100 5.93 -34.25 22.94
CA LEU B 100 5.55 -35.63 22.69
C LEU B 100 6.63 -36.60 23.18
N ARG B 101 7.89 -36.19 23.14
CA ARG B 101 8.97 -37.04 23.64
C ARG B 101 8.92 -37.16 25.16
N LYS B 102 8.66 -36.04 25.85
CA LYS B 102 8.56 -36.10 27.31
C LYS B 102 7.33 -36.87 27.75
N GLU B 103 6.29 -36.94 26.91
CA GLU B 103 5.06 -37.62 27.29
C GLU B 103 5.26 -39.13 27.32
N ARG B 104 5.72 -39.71 26.20
CA ARG B 104 5.96 -41.14 26.16
C ARG B 104 7.05 -41.56 27.14
N ARG B 105 8.00 -40.66 27.41
CA ARG B 105 9.01 -40.94 28.43
C ARG B 105 8.43 -40.95 29.84
N GLY B 106 7.25 -40.37 30.03
CA GLY B 106 6.63 -40.33 31.33
C GLY B 106 7.04 -39.17 32.20
N ASP B 107 7.60 -38.10 31.62
CA ASP B 107 8.01 -36.95 32.40
C ASP B 107 6.82 -36.14 32.91
N TYR B 108 5.64 -36.34 32.35
CA TYR B 108 4.45 -35.62 32.78
C TYR B 108 3.66 -36.37 33.83
N LEU B 109 4.14 -37.54 34.27
CA LEU B 109 3.57 -38.27 35.40
C LEU B 109 2.09 -38.60 35.18
N GLY B 110 1.75 -38.99 33.96
CA GLY B 110 0.39 -39.36 33.66
C GLY B 110 -0.59 -38.22 33.65
N ALA B 111 -0.12 -36.98 33.54
CA ALA B 111 -1.01 -35.84 33.51
C ALA B 111 -1.56 -35.62 32.10
N THR B 112 -2.53 -34.71 32.01
CA THR B 112 -3.13 -34.34 30.74
C THR B 112 -2.31 -33.22 30.12
N VAL B 113 -1.61 -33.51 29.03
CA VAL B 113 -0.79 -32.51 28.35
C VAL B 113 -1.68 -31.62 27.51
N GLN B 114 -1.59 -30.31 27.74
CA GLN B 114 -2.48 -29.34 27.12
C GLN B 114 -1.67 -28.22 26.48
N VAL B 115 -2.33 -27.44 25.63
CA VAL B 115 -1.67 -26.30 25.00
C VAL B 115 -1.20 -25.31 26.04
N ILE B 116 -2.08 -24.95 26.96
CA ILE B 116 -1.72 -24.16 28.14
C ILE B 116 -1.87 -25.08 29.36
N PRO B 117 -0.83 -25.22 30.19
CA PRO B 117 0.48 -24.54 30.13
C PRO B 117 1.60 -25.35 29.48
N HIS B 118 1.38 -26.60 29.07
CA HIS B 118 2.50 -27.47 28.72
C HIS B 118 3.19 -27.02 27.43
N ILE B 119 2.42 -26.71 26.38
CA ILE B 119 3.03 -26.21 25.16
C ILE B 119 3.66 -24.85 25.38
N THR B 120 2.97 -23.98 26.13
CA THR B 120 3.50 -22.64 26.39
C THR B 120 4.72 -22.66 27.30
N ASN B 121 4.77 -23.61 28.25
CA ASN B 121 5.96 -23.73 29.09
C ASN B 121 7.17 -24.17 28.28
N ALA B 122 6.97 -25.09 27.33
CA ALA B 122 8.06 -25.51 26.46
C ALA B 122 8.63 -24.35 25.67
N ILE B 123 7.78 -23.39 25.28
CA ILE B 123 8.25 -22.20 24.56
C ILE B 123 9.04 -21.31 25.51
N LYS B 124 8.50 -21.06 26.70
CA LYS B 124 9.18 -20.18 27.64
C LYS B 124 10.53 -20.76 28.09
N GLU B 125 10.64 -22.09 28.17
CA GLU B 125 11.91 -22.70 28.51
C GLU B 125 12.97 -22.43 27.45
N ARG B 126 12.59 -22.50 26.17
CA ARG B 126 13.55 -22.30 25.09
C ARG B 126 13.90 -20.83 24.89
N VAL B 127 12.97 -19.92 25.18
CA VAL B 127 13.28 -18.50 25.09
C VAL B 127 14.27 -18.11 26.17
N LEU B 128 14.09 -18.62 27.38
CA LEU B 128 15.02 -18.33 28.47
C LEU B 128 16.39 -18.94 28.20
N GLU B 129 16.42 -20.15 27.62
CA GLU B 129 17.68 -20.85 27.42
C GLU B 129 18.60 -20.07 26.48
N GLY B 130 18.06 -19.62 25.34
CA GLY B 130 18.86 -18.83 24.42
C GLY B 130 19.12 -17.42 24.87
N GLY B 131 18.36 -16.93 25.85
CA GLY B 131 18.46 -15.54 26.25
C GLY B 131 19.38 -15.27 27.42
N GLU B 132 19.34 -16.13 28.43
CA GLU B 132 20.10 -15.88 29.65
C GLU B 132 21.60 -15.89 29.37
N GLY B 133 22.30 -14.94 29.96
CA GLY B 133 23.70 -14.69 29.66
C GLY B 133 23.95 -13.42 28.87
N HIS B 134 22.90 -12.68 28.53
CA HIS B 134 23.01 -11.46 27.75
C HIS B 134 22.29 -10.32 28.47
N ASP B 135 22.48 -9.11 27.96
CA ASP B 135 21.81 -7.93 28.51
C ASP B 135 20.45 -7.71 27.88
N VAL B 136 20.38 -7.74 26.55
CA VAL B 136 19.14 -7.56 25.81
C VAL B 136 18.98 -8.73 24.86
N VAL B 137 17.78 -9.30 24.81
CA VAL B 137 17.47 -10.44 23.95
C VAL B 137 16.27 -10.07 23.10
N LEU B 138 16.46 -10.08 21.78
CA LEU B 138 15.40 -9.76 20.84
C LEU B 138 14.79 -11.06 20.33
N VAL B 139 13.48 -11.21 20.54
CA VAL B 139 12.76 -12.44 20.20
C VAL B 139 11.75 -12.09 19.12
N GLU B 140 11.98 -12.56 17.90
CA GLU B 140 11.10 -12.28 16.77
C GLU B 140 10.07 -13.41 16.62
N ILE B 141 8.81 -13.03 16.50
CA ILE B 141 7.71 -13.99 16.35
C ILE B 141 7.29 -14.00 14.89
N GLY B 142 7.37 -15.17 14.25
CA GLY B 142 6.94 -15.30 12.88
C GLY B 142 5.42 -15.25 12.76
N GLY B 143 4.97 -15.02 11.53
CA GLY B 143 3.55 -14.93 11.26
C GLY B 143 3.02 -13.52 11.51
N THR B 144 1.71 -13.38 11.31
CA THR B 144 1.02 -12.11 11.46
C THR B 144 0.02 -12.20 12.61
N VAL B 145 0.01 -11.17 13.45
CA VAL B 145 -0.92 -11.14 14.58
C VAL B 145 -2.35 -11.17 14.06
N GLY B 146 -3.15 -12.06 14.64
CA GLY B 146 -4.51 -12.30 14.20
C GLY B 146 -4.74 -13.69 13.64
N ASP B 147 -3.67 -14.37 13.21
CA ASP B 147 -3.75 -15.73 12.73
C ASP B 147 -3.59 -16.72 13.88
N ILE B 148 -4.07 -17.94 13.66
CA ILE B 148 -4.09 -18.95 14.71
C ILE B 148 -2.78 -19.73 14.83
N GLU B 149 -1.92 -19.68 13.81
CA GLU B 149 -0.72 -20.51 13.84
C GLU B 149 0.32 -20.01 14.84
N SER B 150 0.22 -18.76 15.29
CA SER B 150 1.21 -18.20 16.20
C SER B 150 0.61 -17.82 17.55
N LEU B 151 -0.59 -18.31 17.86
CA LEU B 151 -1.25 -18.00 19.13
C LEU B 151 -0.49 -18.58 20.34
N PRO B 152 0.05 -19.81 20.27
CA PRO B 152 0.86 -20.27 21.42
C PRO B 152 2.10 -19.44 21.64
N PHE B 153 2.76 -18.97 20.58
CA PHE B 153 3.93 -18.10 20.75
C PHE B 153 3.54 -16.81 21.45
N LEU B 154 2.40 -16.24 21.08
CA LEU B 154 2.00 -14.95 21.64
C LEU B 154 1.55 -15.07 23.09
N GLU B 155 0.90 -16.19 23.44
CA GLU B 155 0.51 -16.40 24.82
C GLU B 155 1.71 -16.73 25.71
N ALA B 156 2.72 -17.40 25.16
CA ALA B 156 3.90 -17.74 25.94
C ALA B 156 4.70 -16.50 26.31
N ILE B 157 4.96 -15.62 25.33
CA ILE B 157 5.71 -14.41 25.63
C ILE B 157 4.89 -13.43 26.44
N ARG B 158 3.56 -13.54 26.39
CA ARG B 158 2.73 -12.71 27.27
C ARG B 158 2.89 -13.13 28.72
N GLN B 159 3.01 -14.44 28.97
CA GLN B 159 3.23 -14.92 30.33
C GLN B 159 4.61 -14.50 30.83
N MET B 160 5.61 -14.49 29.95
CA MET B 160 6.94 -14.06 30.34
C MET B 160 6.96 -12.59 30.73
N ALA B 161 6.14 -11.76 30.09
CA ALA B 161 6.09 -10.34 30.41
C ALA B 161 5.55 -10.12 31.83
N VAL B 162 4.63 -10.97 32.27
CA VAL B 162 4.07 -10.82 33.61
C VAL B 162 5.09 -11.28 34.67
N GLU B 163 5.72 -12.43 34.44
CA GLU B 163 6.70 -12.94 35.39
C GLU B 163 7.89 -12.00 35.52
N ILE B 164 8.37 -11.46 34.39
CA ILE B 164 9.56 -10.62 34.42
C ILE B 164 9.21 -9.18 34.76
N GLY B 165 8.12 -8.67 34.21
CA GLY B 165 7.69 -7.31 34.49
C GLY B 165 8.06 -6.34 33.39
N ARG B 166 7.34 -5.22 33.35
CA ARG B 166 7.55 -4.21 32.32
C ARG B 166 8.87 -3.46 32.48
N GLU B 167 9.62 -3.71 33.56
CA GLU B 167 10.92 -3.07 33.73
C GLU B 167 12.01 -3.77 32.92
N HIS B 168 11.77 -5.01 32.47
CA HIS B 168 12.77 -5.75 31.71
C HIS B 168 12.17 -6.42 30.47
N THR B 169 10.98 -5.99 30.03
CA THR B 169 10.36 -6.54 28.84
C THR B 169 9.75 -5.41 28.02
N LEU B 170 9.82 -5.54 26.70
CA LEU B 170 9.24 -4.59 25.78
C LEU B 170 8.55 -5.32 24.64
N PHE B 171 7.44 -4.77 24.17
CA PHE B 171 6.70 -5.29 23.03
C PHE B 171 6.84 -4.30 21.88
N MET B 172 7.55 -4.69 20.83
CA MET B 172 7.75 -3.86 19.64
C MET B 172 6.94 -4.45 18.50
N HIS B 173 6.00 -3.67 17.98
CA HIS B 173 5.05 -4.13 16.96
C HIS B 173 5.31 -3.43 15.64
N LEU B 174 5.51 -4.21 14.58
CA LEU B 174 5.62 -3.69 13.23
C LEU B 174 4.26 -3.71 12.55
N THR B 175 3.92 -2.62 11.86
CA THR B 175 2.63 -2.51 11.21
C THR B 175 2.78 -1.76 9.90
N LEU B 176 1.85 -2.01 8.98
CA LEU B 176 1.84 -1.39 7.67
C LEU B 176 0.94 -0.15 7.68
N VAL B 177 1.46 0.96 7.18
CA VAL B 177 0.69 2.19 7.06
C VAL B 177 0.62 2.56 5.58
N PRO B 178 -0.34 2.02 4.84
CA PRO B 178 -0.32 2.17 3.38
C PRO B 178 -0.77 3.56 2.93
N TYR B 179 -0.32 3.92 1.73
CA TYR B 179 -0.69 5.18 1.09
C TYR B 179 -1.80 4.95 0.07
N MET B 180 -2.79 5.83 0.08
CA MET B 180 -3.91 5.77 -0.84
C MET B 180 -3.84 6.97 -1.79
N ALA B 181 -3.90 6.70 -3.09
CA ALA B 181 -3.84 7.79 -4.06
C ALA B 181 -5.11 8.62 -4.05
N ALA B 182 -6.26 7.98 -3.87
CA ALA B 182 -7.53 8.70 -3.81
C ALA B 182 -7.67 9.54 -2.55
N SER B 183 -6.78 9.35 -1.56
CA SER B 183 -6.80 10.14 -0.34
C SER B 183 -5.58 11.03 -0.17
N GLY B 184 -4.50 10.78 -0.91
CA GLY B 184 -3.30 11.59 -0.80
C GLY B 184 -2.62 11.54 0.55
N GLU B 185 -2.85 10.48 1.33
CA GLU B 185 -2.27 10.38 2.65
C GLU B 185 -2.16 8.91 3.04
N VAL B 186 -1.28 8.63 4.00
CA VAL B 186 -1.19 7.28 4.56
C VAL B 186 -2.35 7.06 5.53
N LYS B 187 -2.68 5.79 5.73
CA LYS B 187 -3.85 5.40 6.51
C LYS B 187 -3.42 4.62 7.74
N THR B 188 -3.91 5.05 8.91
CA THR B 188 -3.62 4.39 10.18
C THR B 188 -4.66 3.36 10.57
N LYS B 189 -5.74 3.22 9.81
CA LYS B 189 -6.79 2.29 10.17
C LYS B 189 -6.31 0.84 10.27
N PRO B 190 -5.48 0.31 9.36
CA PRO B 190 -4.97 -1.05 9.57
C PRO B 190 -4.18 -1.22 10.86
N THR B 191 -3.41 -0.20 11.25
CA THR B 191 -2.69 -0.28 12.53
C THR B 191 -3.69 -0.35 13.69
N GLN B 192 -4.78 0.39 13.60
CA GLN B 192 -5.81 0.36 14.63
C GLN B 192 -6.34 -1.07 14.83
N HIS B 193 -6.72 -1.73 13.73
CA HIS B 193 -7.31 -3.06 13.84
C HIS B 193 -6.26 -4.09 14.27
N SER B 194 -5.02 -3.95 13.80
CA SER B 194 -3.98 -4.90 14.18
C SER B 194 -3.63 -4.78 15.65
N VAL B 195 -3.58 -3.54 16.17
CA VAL B 195 -3.29 -3.36 17.60
C VAL B 195 -4.45 -3.88 18.45
N LYS B 196 -5.68 -3.76 17.97
CA LYS B 196 -6.81 -4.33 18.70
C LYS B 196 -6.71 -5.85 18.79
N GLU B 197 -6.20 -6.49 17.75
CA GLU B 197 -5.94 -7.93 17.81
C GLU B 197 -4.93 -8.24 18.90
N LEU B 198 -3.90 -7.40 19.04
CA LEU B 198 -2.91 -7.60 20.09
C LEU B 198 -3.55 -7.52 21.48
N LEU B 199 -4.47 -6.57 21.67
CA LEU B 199 -5.15 -6.43 22.95
C LEU B 199 -6.07 -7.61 23.23
N SER B 200 -6.63 -8.23 22.18
CA SER B 200 -7.55 -9.34 22.38
C SER B 200 -6.86 -10.54 23.01
N ILE B 201 -5.55 -10.67 22.83
CA ILE B 201 -4.77 -11.76 23.39
C ILE B 201 -3.94 -11.33 24.58
N GLY B 202 -4.19 -10.13 25.11
CA GLY B 202 -3.54 -9.70 26.33
C GLY B 202 -2.19 -9.05 26.16
N ILE B 203 -1.89 -8.48 24.99
CA ILE B 203 -0.61 -7.84 24.71
C ILE B 203 -0.85 -6.37 24.41
N GLN B 204 -0.07 -5.51 25.07
CA GLN B 204 -0.13 -4.07 24.85
C GLN B 204 1.21 -3.60 24.30
N PRO B 205 1.27 -3.06 23.09
CA PRO B 205 2.56 -2.66 22.51
C PRO B 205 3.21 -1.53 23.30
N ASP B 206 4.54 -1.50 23.24
CA ASP B 206 5.32 -0.40 23.79
C ASP B 206 5.97 0.46 22.74
N ILE B 207 6.26 -0.10 21.56
CA ILE B 207 6.90 0.61 20.46
C ILE B 207 6.19 0.21 19.18
N LEU B 208 5.93 1.18 18.31
CA LEU B 208 5.26 0.94 17.03
C LEU B 208 6.22 1.28 15.90
N ILE B 209 6.55 0.30 15.08
CA ILE B 209 7.41 0.48 13.92
C ILE B 209 6.52 0.55 12.69
N CYS B 210 6.38 1.74 12.13
CA CYS B 210 5.48 1.98 11.01
C CYS B 210 6.22 1.76 9.70
N ARG B 211 5.80 0.75 8.94
CA ARG B 211 6.38 0.44 7.64
C ARG B 211 5.50 1.02 6.54
N SER B 212 6.13 1.68 5.57
CA SER B 212 5.41 2.28 4.46
C SER B 212 6.39 2.54 3.34
N ASP B 213 5.85 2.79 2.14
CA ASP B 213 6.68 3.16 0.99
C ASP B 213 7.17 4.60 1.08
N ARG B 214 6.79 5.33 2.12
CA ARG B 214 7.25 6.69 2.33
C ARG B 214 7.25 6.96 3.83
N ALA B 215 7.92 8.05 4.21
CA ALA B 215 8.00 8.41 5.62
C ALA B 215 6.61 8.71 6.19
N VAL B 216 6.32 8.14 7.34
CA VAL B 216 5.05 8.40 8.03
C VAL B 216 5.14 9.78 8.68
N PRO B 217 4.31 10.73 8.27
CA PRO B 217 4.41 12.09 8.81
C PRO B 217 4.18 12.13 10.32
N ALA B 218 4.73 13.17 10.94
CA ALA B 218 4.62 13.32 12.39
C ALA B 218 3.17 13.45 12.83
N ASN B 219 2.30 13.97 11.97
CA ASN B 219 0.89 14.08 12.33
C ASN B 219 0.25 12.70 12.46
N GLU B 220 0.53 11.80 11.52
CA GLU B 220 -0.05 10.47 11.57
C GLU B 220 0.55 9.65 12.71
N ARG B 221 1.83 9.87 13.03
CA ARG B 221 2.43 9.16 14.16
C ARG B 221 1.80 9.60 15.48
N ALA B 222 1.51 10.89 15.61
CA ALA B 222 0.84 11.37 16.83
C ALA B 222 -0.56 10.79 16.95
N LYS B 223 -1.22 10.52 15.83
CA LYS B 223 -2.53 9.88 15.88
C LYS B 223 -2.41 8.42 16.30
N ILE B 224 -1.34 7.74 15.85
CA ILE B 224 -1.08 6.37 16.29
C ILE B 224 -0.61 6.35 17.74
N ALA B 225 0.12 7.38 18.16
CA ALA B 225 0.70 7.38 19.50
C ALA B 225 -0.38 7.38 20.58
N LEU B 226 -1.42 8.23 20.42
CA LEU B 226 -2.44 8.30 21.45
C LEU B 226 -3.46 7.17 21.32
N PHE B 227 -3.63 6.61 20.11
CA PHE B 227 -4.52 5.46 19.96
C PHE B 227 -3.96 4.24 20.68
N CYS B 228 -2.64 4.08 20.66
CA CYS B 228 -1.97 2.96 21.33
C CYS B 228 -1.53 3.28 22.74
N ASN B 229 -1.74 4.52 23.20
CA ASN B 229 -1.35 4.97 24.54
C ASN B 229 0.16 4.77 24.76
N VAL B 230 0.94 5.25 23.80
CA VAL B 230 2.40 5.23 23.90
C VAL B 230 2.91 6.64 23.66
N PRO B 231 4.09 6.96 24.17
CA PRO B 231 4.69 8.26 23.86
C PRO B 231 4.97 8.39 22.37
N GLU B 232 4.97 9.64 21.89
CA GLU B 232 5.26 9.88 20.48
C GLU B 232 6.68 9.47 20.12
N LYS B 233 7.58 9.38 21.10
CA LYS B 233 8.93 8.88 20.83
C LYS B 233 8.91 7.40 20.46
N ALA B 234 7.91 6.65 20.92
CA ALA B 234 7.83 5.22 20.72
C ALA B 234 7.20 4.84 19.39
N VAL B 235 6.76 5.81 18.58
CA VAL B 235 6.21 5.55 17.26
C VAL B 235 7.26 5.96 16.24
N ILE B 236 7.87 4.97 15.59
CA ILE B 236 9.01 5.18 14.70
C ILE B 236 8.55 5.00 13.26
N SER B 237 9.07 5.83 12.37
CA SER B 237 8.80 5.73 10.94
C SER B 237 9.95 4.99 10.27
N LEU B 238 9.63 3.90 9.56
CA LEU B 238 10.62 3.08 8.86
C LEU B 238 10.17 2.96 7.41
N LYS B 239 10.52 3.93 6.58
CA LYS B 239 10.14 3.91 5.19
C LYS B 239 10.97 2.90 4.41
N ASP B 240 10.52 2.60 3.19
CA ASP B 240 11.26 1.68 2.33
C ASP B 240 12.62 2.28 1.98
N VAL B 241 13.65 1.44 2.03
CA VAL B 241 15.03 1.87 1.82
C VAL B 241 15.65 1.05 0.70
N ASP B 242 16.74 1.58 0.15
CA ASP B 242 17.48 0.89 -0.90
C ASP B 242 18.59 0.01 -0.35
N SER B 243 18.97 0.18 0.91
CA SER B 243 20.02 -0.64 1.52
C SER B 243 19.67 -0.85 2.98
N ILE B 244 19.62 -2.11 3.40
CA ILE B 244 19.29 -2.43 4.79
C ILE B 244 20.33 -1.90 5.75
N TYR B 245 21.54 -1.62 5.26
CA TYR B 245 22.62 -1.11 6.11
C TYR B 245 22.39 0.33 6.54
N LYS B 246 21.34 0.98 6.03
CA LYS B 246 20.95 2.30 6.50
C LYS B 246 19.97 2.25 7.67
N ILE B 247 19.34 1.10 7.89
CA ILE B 247 18.30 1.00 8.92
C ILE B 247 18.85 1.26 10.32
N PRO B 248 20.00 0.70 10.73
CA PRO B 248 20.53 1.04 12.06
C PRO B 248 20.67 2.54 12.31
N GLY B 249 21.08 3.31 11.29
CA GLY B 249 21.19 4.74 11.47
C GLY B 249 19.84 5.43 11.53
N LEU B 250 18.86 4.94 10.75
CA LEU B 250 17.55 5.56 10.74
C LEU B 250 16.85 5.41 12.09
N LEU B 251 17.01 4.24 12.72
CA LEU B 251 16.40 4.02 14.03
C LEU B 251 17.09 4.84 15.12
N LYS B 252 18.41 5.03 15.01
CA LYS B 252 19.12 5.83 16.00
C LYS B 252 18.75 7.30 15.90
N SER B 253 18.56 7.79 14.67
CA SER B 253 18.21 9.19 14.48
C SER B 253 16.85 9.54 15.07
N GLN B 254 15.97 8.56 15.23
CA GLN B 254 14.68 8.76 15.87
C GLN B 254 14.68 8.39 17.34
N GLY B 255 15.85 8.04 17.88
CA GLY B 255 15.99 7.82 19.31
C GLY B 255 15.41 6.53 19.82
N LEU B 256 15.33 5.50 18.97
CA LEU B 256 14.75 4.23 19.41
C LEU B 256 15.63 3.54 20.45
N ASP B 257 16.95 3.60 20.28
CA ASP B 257 17.85 2.95 21.23
C ASP B 257 17.86 3.68 22.58
N ASP B 258 17.66 5.00 22.57
CA ASP B 258 17.62 5.74 23.84
C ASP B 258 16.40 5.37 24.66
N TYR B 259 15.26 5.16 23.99
CA TYR B 259 14.05 4.76 24.71
C TYR B 259 14.21 3.39 25.33
N ILE B 260 14.92 2.48 24.66
CA ILE B 260 15.12 1.14 25.19
C ILE B 260 16.09 1.17 26.36
N CYS B 261 17.18 1.94 26.24
CA CYS B 261 18.10 2.08 27.36
C CYS B 261 17.42 2.74 28.56
N LYS B 262 16.46 3.63 28.31
CA LYS B 262 15.74 4.26 29.41
C LYS B 262 14.75 3.30 30.06
N ARG B 263 14.00 2.57 29.25
CA ARG B 263 13.01 1.63 29.79
C ARG B 263 13.69 0.53 30.59
N PHE B 264 14.85 0.06 30.13
CA PHE B 264 15.58 -1.01 30.81
C PHE B 264 16.57 -0.50 31.85
N SER B 265 16.62 0.81 32.08
CA SER B 265 17.53 1.42 33.06
C SER B 265 18.98 1.02 32.80
N LEU B 266 19.43 1.26 31.58
CA LEU B 266 20.79 0.95 31.17
C LEU B 266 21.55 2.24 30.91
N ASN B 267 22.73 2.36 31.53
CA ASN B 267 23.59 3.52 31.38
C ASN B 267 24.80 3.10 30.55
N CYS B 268 24.79 3.49 29.28
CA CYS B 268 25.83 3.13 28.33
C CYS B 268 26.07 4.30 27.39
N PRO B 269 27.27 4.43 26.84
CA PRO B 269 27.58 5.58 25.98
C PRO B 269 26.77 5.56 24.69
N GLU B 270 26.89 6.67 23.96
CA GLU B 270 26.18 6.83 22.70
C GLU B 270 26.66 5.80 21.68
N ALA B 271 25.74 5.34 20.84
CA ALA B 271 26.08 4.35 19.83
C ALA B 271 27.09 4.92 18.84
N ASN B 272 28.07 4.09 18.48
CA ASN B 272 29.13 4.46 17.54
C ASN B 272 28.92 3.63 16.27
N LEU B 273 28.20 4.21 15.31
CA LEU B 273 27.87 3.54 14.05
C LEU B 273 28.84 3.93 12.94
N SER B 274 30.10 4.20 13.28
CA SER B 274 31.08 4.59 12.28
C SER B 274 31.28 3.50 11.24
N GLU B 275 31.25 2.24 11.66
CA GLU B 275 31.41 1.13 10.73
C GLU B 275 30.26 1.08 9.73
N TRP B 276 29.03 1.31 10.20
CA TRP B 276 27.88 1.26 9.30
C TRP B 276 27.86 2.48 8.38
N GLU B 277 28.29 3.65 8.88
CA GLU B 277 28.42 4.81 8.02
C GLU B 277 29.47 4.58 6.94
N GLN B 278 30.50 3.78 7.24
CA GLN B 278 31.50 3.44 6.24
C GLN B 278 30.93 2.48 5.19
N VAL B 279 30.09 1.55 5.62
CA VAL B 279 29.48 0.61 4.68
C VAL B 279 28.55 1.34 3.71
N ILE B 280 27.79 2.31 4.21
CA ILE B 280 26.89 3.07 3.36
C ILE B 280 27.67 3.93 2.38
N PHE B 281 28.79 4.51 2.82
CA PHE B 281 29.60 5.35 1.93
C PHE B 281 30.23 4.53 0.82
N GLU B 282 30.70 3.32 1.13
CA GLU B 282 31.32 2.48 0.10
C GLU B 282 30.29 2.01 -0.92
N GLU B 283 29.09 1.65 -0.46
CA GLU B 283 28.05 1.19 -1.38
C GLU B 283 27.57 2.30 -2.30
N ALA B 284 27.55 3.55 -1.82
CA ALA B 284 27.04 4.65 -2.60
C ALA B 284 28.07 5.25 -3.56
N ASN B 285 29.36 4.87 -3.44
CA ASN B 285 30.41 5.44 -4.26
C ASN B 285 31.30 4.33 -4.82
N PRO B 286 30.82 3.59 -5.80
CA PRO B 286 31.69 2.63 -6.50
C PRO B 286 32.52 3.32 -7.58
N VAL B 287 33.69 2.74 -7.84
CA VAL B 287 34.59 3.29 -8.85
C VAL B 287 34.34 2.64 -10.21
N SER B 288 34.32 1.32 -10.27
CA SER B 288 34.08 0.56 -11.49
C SER B 288 32.90 -0.38 -11.28
N GLU B 289 32.53 -1.09 -12.34
CA GLU B 289 31.43 -2.04 -12.29
C GLU B 289 31.81 -3.31 -13.03
N VAL B 290 31.39 -4.45 -12.47
CA VAL B 290 31.62 -5.76 -13.08
C VAL B 290 30.28 -6.48 -13.17
N THR B 291 30.27 -7.56 -13.96
CA THR B 291 29.10 -8.42 -14.10
C THR B 291 29.53 -9.85 -13.83
N ILE B 292 29.04 -10.42 -12.73
CA ILE B 292 29.39 -11.77 -12.31
C ILE B 292 28.17 -12.65 -12.50
N GLY B 293 28.33 -13.70 -13.30
CA GLY B 293 27.25 -14.64 -13.57
C GLY B 293 27.24 -15.76 -12.55
N MET B 294 26.06 -16.03 -11.99
CA MET B 294 25.87 -17.10 -11.02
C MET B 294 25.08 -18.21 -11.71
N VAL B 295 25.77 -19.29 -12.08
CA VAL B 295 25.18 -20.38 -12.84
C VAL B 295 24.82 -21.48 -11.86
N GLY B 296 23.52 -21.67 -11.63
CA GLY B 296 23.04 -22.68 -10.70
C GLY B 296 21.76 -23.33 -11.13
N LYS B 297 21.09 -24.00 -10.19
CA LYS B 297 19.85 -24.71 -10.47
C LYS B 297 18.66 -24.21 -9.66
N TYR B 298 18.87 -23.32 -8.69
CA TYR B 298 17.80 -22.81 -7.84
C TYR B 298 17.49 -21.35 -8.12
N ILE B 299 17.82 -20.86 -9.32
CA ILE B 299 17.57 -19.46 -9.66
C ILE B 299 16.09 -19.13 -9.74
N GLU B 300 15.22 -20.14 -9.66
CA GLU B 300 13.78 -19.88 -9.66
C GLU B 300 13.35 -19.05 -8.46
N LEU B 301 14.10 -19.13 -7.35
CA LEU B 301 13.87 -18.29 -6.18
C LEU B 301 15.19 -17.62 -5.81
N PRO B 302 15.28 -16.29 -5.91
CA PRO B 302 16.56 -15.63 -5.59
C PRO B 302 17.02 -15.84 -4.16
N ASP B 303 16.09 -16.04 -3.22
CA ASP B 303 16.47 -16.26 -1.83
C ASP B 303 17.19 -17.58 -1.60
N ALA B 304 17.21 -18.47 -2.60
CA ALA B 304 17.96 -19.72 -2.47
C ALA B 304 19.46 -19.48 -2.36
N TYR B 305 19.96 -18.35 -2.86
CA TYR B 305 21.37 -18.01 -2.73
C TYR B 305 21.52 -16.71 -1.94
N LYS B 306 20.89 -16.65 -0.77
CA LYS B 306 20.84 -15.39 -0.01
C LYS B 306 22.21 -14.94 0.43
N SER B 307 22.94 -15.80 1.14
CA SER B 307 24.25 -15.41 1.66
C SER B 307 25.29 -15.27 0.55
N VAL B 308 25.15 -16.03 -0.53
CA VAL B 308 26.09 -15.93 -1.64
C VAL B 308 25.95 -14.58 -2.33
N ILE B 309 24.71 -14.19 -2.63
CA ILE B 309 24.46 -12.89 -3.24
C ILE B 309 24.93 -11.77 -2.32
N GLU B 310 24.70 -11.92 -1.01
CA GLU B 310 25.11 -10.90 -0.06
C GLU B 310 26.62 -10.83 0.09
N ALA B 311 27.31 -11.98 0.00
CA ALA B 311 28.76 -11.97 0.11
C ALA B 311 29.43 -11.38 -1.13
N LEU B 312 28.77 -11.50 -2.29
CA LEU B 312 29.31 -10.87 -3.49
C LEU B 312 29.26 -9.35 -3.38
N LYS B 313 28.17 -8.81 -2.84
CA LYS B 313 28.10 -7.36 -2.62
C LYS B 313 29.13 -6.91 -1.61
N HIS B 314 29.45 -7.74 -0.62
CA HIS B 314 30.49 -7.39 0.34
C HIS B 314 31.87 -7.41 -0.30
N GLY B 315 32.07 -8.27 -1.31
CA GLY B 315 33.31 -8.24 -2.07
C GLY B 315 33.47 -6.99 -2.91
N GLY B 316 32.36 -6.35 -3.28
CA GLY B 316 32.43 -5.11 -4.02
C GLY B 316 32.65 -3.89 -3.14
N LEU B 317 32.24 -3.97 -1.87
CA LEU B 317 32.50 -2.87 -0.94
C LEU B 317 33.99 -2.73 -0.66
N LYS B 318 34.68 -3.86 -0.49
CA LYS B 318 36.11 -3.81 -0.20
C LYS B 318 36.93 -3.36 -1.41
N ASN B 319 36.38 -3.45 -2.61
CA ASN B 319 37.09 -3.08 -3.83
C ASN B 319 36.50 -1.86 -4.51
N ARG B 320 35.47 -1.24 -3.93
CA ARG B 320 34.77 -0.11 -4.54
C ARG B 320 34.25 -0.45 -5.93
N VAL B 321 33.70 -1.66 -6.06
CA VAL B 321 33.21 -2.17 -7.33
C VAL B 321 31.72 -2.46 -7.18
N SER B 322 30.92 -1.95 -8.13
CA SER B 322 29.50 -2.26 -8.19
C SER B 322 29.33 -3.62 -8.86
N VAL B 323 28.84 -4.59 -8.12
CA VAL B 323 28.69 -5.95 -8.62
C VAL B 323 27.27 -6.12 -9.14
N ASN B 324 27.14 -6.41 -10.44
CA ASN B 324 25.86 -6.65 -11.08
CA ASN B 324 25.86 -6.65 -11.08
C ASN B 324 25.70 -8.15 -11.28
N ILE B 325 24.95 -8.78 -10.39
CA ILE B 325 24.79 -10.24 -10.41
C ILE B 325 23.74 -10.62 -11.44
N LYS B 326 24.07 -11.61 -12.27
CA LYS B 326 23.16 -12.14 -13.28
C LYS B 326 22.95 -13.62 -13.01
N LEU B 327 21.75 -13.99 -12.59
CA LEU B 327 21.42 -15.39 -12.33
C LEU B 327 21.18 -16.10 -13.65
N ILE B 328 21.93 -17.18 -13.89
CA ILE B 328 21.84 -17.95 -15.12
C ILE B 328 21.45 -19.38 -14.76
N ASP B 329 20.39 -19.87 -15.39
CA ASP B 329 19.97 -21.25 -15.20
C ASP B 329 20.97 -22.18 -15.86
N SER B 330 21.59 -23.06 -15.07
CA SER B 330 22.56 -24.00 -15.62
C SER B 330 21.90 -24.96 -16.61
N GLN B 331 20.62 -25.26 -16.43
CA GLN B 331 19.90 -26.10 -17.36
C GLN B 331 19.72 -25.45 -18.72
N ASP B 332 19.83 -24.12 -18.80
CA ASP B 332 19.77 -23.44 -20.09
C ASP B 332 21.08 -23.62 -20.86
N VAL B 333 22.20 -23.74 -20.16
CA VAL B 333 23.47 -24.01 -20.82
C VAL B 333 23.45 -25.37 -21.50
N GLU B 334 22.68 -26.32 -20.94
CA GLU B 334 22.58 -27.65 -21.53
C GLU B 334 21.89 -27.59 -22.89
N THR B 335 20.87 -26.74 -23.03
CA THR B 335 20.07 -26.66 -24.24
C THR B 335 20.53 -25.54 -25.17
N ARG B 336 20.70 -24.32 -24.65
CA ARG B 336 21.07 -23.20 -25.50
C ARG B 336 22.56 -23.12 -25.76
N GLY B 337 23.39 -23.67 -24.90
CA GLY B 337 24.82 -23.73 -25.11
C GLY B 337 25.60 -22.74 -24.28
N VAL B 338 26.90 -22.68 -24.58
CA VAL B 338 27.81 -21.79 -23.86
C VAL B 338 27.53 -20.32 -24.14
N GLU B 339 26.79 -20.02 -25.22
CA GLU B 339 26.56 -18.64 -25.64
C GLU B 339 25.91 -17.80 -24.55
N ILE B 340 25.28 -18.42 -23.55
CA ILE B 340 24.65 -17.66 -22.47
C ILE B 340 25.71 -17.03 -21.57
N LEU B 341 26.88 -17.66 -21.46
CA LEU B 341 27.93 -17.19 -20.57
C LEU B 341 28.79 -16.09 -21.18
N LYS B 342 28.37 -15.49 -22.29
CA LYS B 342 29.13 -14.42 -22.92
C LYS B 342 28.89 -13.10 -22.21
N GLY B 343 29.95 -12.30 -22.09
CA GLY B 343 29.84 -11.00 -21.47
C GLY B 343 29.84 -11.02 -19.96
N LEU B 344 30.67 -11.87 -19.36
CA LEU B 344 30.76 -11.99 -17.91
C LEU B 344 32.21 -11.78 -17.48
N ASP B 345 32.40 -10.93 -16.47
CA ASP B 345 33.74 -10.70 -15.93
C ASP B 345 34.17 -11.78 -14.95
N ALA B 346 33.23 -12.58 -14.45
CA ALA B 346 33.54 -13.66 -13.52
C ALA B 346 32.37 -14.64 -13.52
N ILE B 347 32.63 -15.85 -13.03
CA ILE B 347 31.64 -16.92 -13.00
C ILE B 347 31.67 -17.58 -11.64
N LEU B 348 30.50 -17.73 -11.02
CA LEU B 348 30.36 -18.42 -9.74
C LEU B 348 29.33 -19.53 -9.89
N VAL B 349 29.70 -20.73 -9.46
CA VAL B 349 28.80 -21.88 -9.45
C VAL B 349 28.50 -22.22 -8.00
N PRO B 350 27.29 -21.96 -7.52
CA PRO B 350 26.96 -22.22 -6.12
C PRO B 350 26.69 -23.70 -5.88
N GLY B 351 26.35 -24.03 -4.63
CA GLY B 351 26.11 -25.40 -4.25
C GLY B 351 24.68 -25.86 -4.52
N GLY B 352 24.46 -27.14 -4.30
CA GLY B 352 23.15 -27.73 -4.53
C GLY B 352 23.23 -29.25 -4.47
N PHE B 353 22.08 -29.86 -4.74
CA PHE B 353 21.97 -31.32 -4.74
C PHE B 353 21.08 -31.77 -5.87
N GLY B 354 21.43 -32.89 -6.48
CA GLY B 354 20.65 -33.46 -7.57
C GLY B 354 21.34 -33.30 -8.91
N TYR B 355 21.18 -34.31 -9.77
CA TYR B 355 21.87 -34.32 -11.07
C TYR B 355 21.27 -33.30 -12.03
N ARG B 356 20.03 -32.87 -11.82
CA ARG B 356 19.38 -31.94 -12.74
C ARG B 356 20.19 -30.66 -12.87
N GLY B 357 20.59 -30.34 -14.10
CA GLY B 357 21.34 -29.13 -14.35
C GLY B 357 22.81 -29.18 -13.99
N VAL B 358 23.33 -30.33 -13.59
CA VAL B 358 24.74 -30.42 -13.22
C VAL B 358 25.62 -30.43 -14.47
N GLU B 359 25.20 -31.13 -15.52
CA GLU B 359 25.97 -31.16 -16.76
C GLU B 359 26.13 -29.76 -17.35
N GLY B 360 25.18 -28.87 -17.07
CA GLY B 360 25.36 -27.48 -17.44
C GLY B 360 26.39 -26.77 -16.59
N MET B 361 26.51 -27.18 -15.32
CA MET B 361 27.53 -26.61 -14.45
C MET B 361 28.92 -27.13 -14.82
N ILE B 362 29.02 -28.40 -15.24
CA ILE B 362 30.29 -28.94 -15.70
C ILE B 362 30.76 -28.21 -16.95
N THR B 363 29.83 -27.91 -17.87
CA THR B 363 30.18 -27.16 -19.07
C THR B 363 30.59 -25.74 -18.72
N THR B 364 29.96 -25.15 -17.70
CA THR B 364 30.29 -23.79 -17.30
C THR B 364 31.71 -23.71 -16.73
N ALA B 365 32.10 -24.68 -15.89
CA ALA B 365 33.44 -24.66 -15.31
C ALA B 365 34.51 -24.81 -16.37
N ARG B 366 34.26 -25.64 -17.39
CA ARG B 366 35.21 -25.78 -18.48
C ARG B 366 35.37 -24.48 -19.25
N PHE B 367 34.28 -23.73 -19.40
CA PHE B 367 34.34 -22.47 -20.14
C PHE B 367 35.20 -21.44 -19.41
N ALA B 368 35.17 -21.44 -18.07
CA ALA B 368 35.97 -20.49 -17.31
C ALA B 368 37.44 -20.90 -17.29
N ARG B 369 37.72 -22.20 -17.20
CA ARG B 369 39.10 -22.66 -17.14
C ARG B 369 39.81 -22.48 -18.47
N GLU B 370 39.10 -22.67 -19.58
CA GLU B 370 39.73 -22.59 -20.89
C GLU B 370 39.84 -21.16 -21.40
N ASN B 371 38.90 -20.28 -21.02
CA ASN B 371 38.90 -18.90 -21.48
C ASN B 371 39.48 -17.93 -20.45
N ASN B 372 40.06 -18.44 -19.38
CA ASN B 372 40.72 -17.61 -18.35
C ASN B 372 39.77 -16.57 -17.78
N ILE B 373 38.59 -17.02 -17.38
CA ILE B 373 37.59 -16.18 -16.73
C ILE B 373 37.59 -16.51 -15.24
N PRO B 374 37.64 -15.52 -14.35
CA PRO B 374 37.67 -15.81 -12.91
C PRO B 374 36.51 -16.71 -12.50
N TYR B 375 36.83 -17.71 -11.67
CA TYR B 375 35.87 -18.74 -11.30
C TYR B 375 35.93 -18.99 -9.80
N LEU B 376 34.76 -19.23 -9.21
CA LEU B 376 34.65 -19.59 -7.79
C LEU B 376 33.55 -20.63 -7.66
N GLY B 377 33.92 -21.84 -7.26
CA GLY B 377 32.99 -22.92 -7.06
C GLY B 377 32.85 -23.25 -5.58
N ILE B 378 31.60 -23.37 -5.13
CA ILE B 378 31.28 -23.62 -3.73
C ILE B 378 30.55 -24.95 -3.63
N CYS B 379 31.11 -25.88 -2.85
CA CYS B 379 30.56 -27.21 -2.64
C CYS B 379 30.34 -27.93 -3.97
N LEU B 380 29.11 -27.90 -4.48
CA LEU B 380 28.83 -28.48 -5.79
C LEU B 380 29.61 -27.77 -6.89
N GLY B 381 29.84 -26.47 -6.74
CA GLY B 381 30.67 -25.74 -7.68
C GLY B 381 32.10 -26.23 -7.73
N MET B 382 32.57 -26.89 -6.67
CA MET B 382 33.88 -27.51 -6.67
C MET B 382 33.85 -28.88 -7.34
N GLN B 383 32.76 -29.62 -7.18
CA GLN B 383 32.65 -30.95 -7.79
C GLN B 383 32.70 -30.85 -9.31
N VAL B 384 31.93 -29.92 -9.88
CA VAL B 384 31.91 -29.76 -11.33
C VAL B 384 33.27 -29.31 -11.85
N ALA B 385 34.03 -28.58 -11.02
CA ALA B 385 35.37 -28.18 -11.43
C ALA B 385 36.32 -29.37 -11.43
N LEU B 386 36.19 -30.26 -10.45
CA LEU B 386 37.02 -31.47 -10.42
C LEU B 386 36.61 -32.43 -11.52
N ILE B 387 35.30 -32.55 -11.78
CA ILE B 387 34.81 -33.42 -12.84
C ILE B 387 35.29 -32.93 -14.20
N ASP B 388 35.19 -31.62 -14.43
CA ASP B 388 35.65 -31.05 -15.70
C ASP B 388 37.16 -31.28 -15.89
N TYR B 389 37.94 -31.10 -14.84
CA TYR B 389 39.39 -31.28 -14.97
C TYR B 389 39.74 -32.74 -15.18
N ALA B 390 39.00 -33.66 -14.55
CA ALA B 390 39.28 -35.07 -14.72
C ALA B 390 38.89 -35.56 -16.10
N ARG B 391 37.89 -34.95 -16.73
CA ARG B 391 37.45 -35.39 -18.05
C ARG B 391 38.33 -34.82 -19.16
N HIS B 392 38.54 -33.52 -19.17
CA HIS B 392 39.14 -32.83 -20.30
C HIS B 392 40.63 -32.56 -20.14
N VAL B 393 41.23 -32.94 -19.00
CA VAL B 393 42.66 -32.76 -18.81
C VAL B 393 43.28 -34.10 -18.43
N ALA B 394 42.62 -34.84 -17.54
CA ALA B 394 43.10 -36.15 -17.12
C ALA B 394 42.62 -37.27 -18.04
N ASN B 395 41.71 -36.99 -18.97
CA ASN B 395 41.21 -37.97 -19.93
C ASN B 395 40.58 -39.17 -19.21
N MET B 396 39.65 -38.88 -18.32
CA MET B 396 38.85 -39.90 -17.65
C MET B 396 37.44 -39.82 -18.24
N GLU B 397 37.14 -40.74 -19.16
CA GLU B 397 35.87 -40.71 -19.86
C GLU B 397 34.70 -40.83 -18.87
N ASN B 398 33.75 -39.89 -18.99
CA ASN B 398 32.53 -39.91 -18.19
C ASN B 398 32.82 -39.89 -16.69
N ALA B 399 33.92 -39.23 -16.30
CA ALA B 399 34.19 -39.02 -14.88
C ALA B 399 33.05 -38.23 -14.26
N ASN B 400 32.55 -38.72 -13.13
CA ASN B 400 31.33 -38.15 -12.56
C ASN B 400 31.34 -38.42 -11.06
N SER B 401 30.21 -38.14 -10.42
CA SER B 401 30.01 -38.40 -9.00
C SER B 401 29.03 -39.56 -8.83
N THR B 402 29.27 -40.38 -7.80
CA THR B 402 28.35 -41.47 -7.51
C THR B 402 26.98 -40.97 -7.08
N GLU B 403 26.88 -39.69 -6.70
CA GLU B 403 25.58 -39.10 -6.43
C GLU B 403 24.71 -39.08 -7.68
N PHE B 404 25.33 -38.93 -8.85
CA PHE B 404 24.63 -38.80 -10.12
C PHE B 404 24.69 -40.07 -10.96
N VAL B 405 25.87 -40.65 -11.10
CA VAL B 405 26.05 -41.92 -11.80
C VAL B 405 26.77 -42.88 -10.85
N PRO B 406 26.04 -43.79 -10.20
CA PRO B 406 26.69 -44.65 -9.19
C PRO B 406 27.75 -45.57 -9.76
N ASP B 407 27.53 -46.12 -10.96
CA ASP B 407 28.44 -47.10 -11.55
C ASP B 407 29.31 -46.50 -12.65
N CYS B 408 29.74 -45.25 -12.48
CA CYS B 408 30.69 -44.66 -13.42
C CYS B 408 32.08 -45.24 -13.19
N LYS B 409 32.86 -45.30 -14.28
CA LYS B 409 34.19 -45.90 -14.19
C LYS B 409 35.15 -45.06 -13.36
N TYR B 410 35.02 -43.73 -13.42
CA TYR B 410 35.89 -42.81 -12.70
C TYR B 410 35.06 -42.00 -11.71
N PRO B 411 34.78 -42.56 -10.52
CA PRO B 411 34.03 -41.81 -9.50
C PRO B 411 34.94 -40.85 -8.72
N VAL B 412 35.25 -39.72 -9.37
CA VAL B 412 36.12 -38.74 -8.75
C VAL B 412 35.49 -38.10 -7.52
N VAL B 413 34.16 -38.14 -7.42
CA VAL B 413 33.44 -37.66 -6.25
C VAL B 413 32.54 -38.79 -5.77
N ALA B 414 32.68 -39.16 -4.50
CA ALA B 414 31.91 -40.27 -3.94
C ALA B 414 31.97 -40.19 -2.43
N LEU B 415 31.08 -40.97 -1.79
CA LEU B 415 31.15 -41.13 -0.35
C LEU B 415 32.44 -41.87 0.03
N ILE B 416 32.95 -41.58 1.23
CA ILE B 416 34.19 -42.20 1.68
C ILE B 416 34.07 -43.71 1.70
N THR B 417 32.88 -44.24 2.03
CA THR B 417 32.67 -45.68 2.01
C THR B 417 32.56 -46.25 0.61
N GLU B 418 32.45 -45.40 -0.42
CA GLU B 418 32.31 -45.83 -1.80
C GLU B 418 33.60 -45.73 -2.60
N TRP B 419 34.69 -45.24 -1.99
CA TRP B 419 35.91 -44.95 -2.73
C TRP B 419 36.46 -46.20 -3.40
N ARG B 420 36.47 -46.18 -4.73
CA ARG B 420 37.08 -47.22 -5.53
C ARG B 420 38.00 -46.59 -6.57
N ASP B 421 38.40 -47.36 -7.59
CA ASP B 421 39.17 -46.80 -8.69
C ASP B 421 38.59 -47.24 -10.03
N GLU B 422 39.31 -47.00 -11.12
CA GLU B 422 38.84 -47.41 -12.43
C GLU B 422 38.80 -48.93 -12.58
N ASN B 423 39.58 -49.66 -11.79
CA ASN B 423 39.58 -51.11 -11.83
C ASN B 423 38.60 -51.74 -10.85
N GLY B 424 38.13 -50.98 -9.86
CA GLY B 424 37.22 -51.50 -8.86
C GLY B 424 37.85 -51.78 -7.52
N ASN B 425 39.17 -51.61 -7.37
CA ASN B 425 39.84 -51.87 -6.11
C ASN B 425 39.43 -50.87 -5.06
N VAL B 426 39.53 -51.28 -3.80
CA VAL B 426 39.14 -50.46 -2.66
C VAL B 426 40.31 -50.37 -1.69
N GLU B 427 40.12 -49.58 -0.63
CA GLU B 427 41.15 -49.36 0.36
C GLU B 427 41.15 -50.46 1.42
N VAL B 428 42.17 -50.44 2.27
CA VAL B 428 42.28 -51.40 3.36
C VAL B 428 41.24 -51.11 4.44
N THR B 438 26.01 -39.55 5.99
CA THR B 438 27.22 -39.10 6.64
C THR B 438 27.44 -37.60 6.39
N MET B 439 26.51 -36.80 6.89
CA MET B 439 26.56 -35.35 6.66
C MET B 439 27.66 -34.72 7.50
N ARG B 440 28.40 -33.80 6.87
CA ARG B 440 29.36 -32.95 7.56
C ARG B 440 28.73 -31.57 7.71
N LEU B 441 28.46 -31.16 8.95
CA LEU B 441 27.77 -29.92 9.23
C LEU B 441 28.54 -29.12 10.28
N GLY B 442 28.60 -27.81 10.08
CA GLY B 442 29.18 -26.92 11.07
C GLY B 442 30.62 -26.56 10.76
N ALA B 443 31.24 -25.89 11.73
CA ALA B 443 32.60 -25.40 11.58
C ALA B 443 33.61 -26.51 11.77
N GLN B 444 34.66 -26.49 10.94
CA GLN B 444 35.77 -27.42 11.07
C GLN B 444 37.04 -26.73 10.58
N GLN B 445 38.13 -26.96 11.30
CA GLN B 445 39.39 -26.33 10.93
C GLN B 445 39.93 -26.92 9.63
N CYS B 446 40.53 -26.06 8.81
CA CYS B 446 41.10 -26.45 7.53
CA CYS B 446 41.10 -26.45 7.53
C CYS B 446 42.53 -25.97 7.43
N GLN B 447 43.41 -26.82 6.91
CA GLN B 447 44.82 -26.50 6.76
C GLN B 447 45.08 -26.08 5.32
N LEU B 448 45.64 -24.88 5.15
CA LEU B 448 45.97 -24.36 3.84
C LEU B 448 47.39 -24.75 3.46
N VAL B 449 47.60 -25.01 2.17
CA VAL B 449 48.92 -25.37 1.66
C VAL B 449 49.72 -24.10 1.39
N ASP B 450 50.99 -24.12 1.77
CA ASP B 450 51.86 -22.98 1.56
C ASP B 450 52.08 -22.73 0.06
N ASP B 451 52.43 -21.47 -0.25
CA ASP B 451 52.65 -21.02 -1.63
C ASP B 451 51.42 -21.22 -2.50
N SER B 452 50.24 -21.16 -1.92
CA SER B 452 48.98 -21.23 -2.65
C SER B 452 48.26 -19.89 -2.58
N LEU B 453 47.23 -19.75 -3.42
CA LEU B 453 46.51 -18.49 -3.50
C LEU B 453 45.71 -18.23 -2.23
N VAL B 454 44.93 -19.22 -1.78
CA VAL B 454 44.13 -19.05 -0.58
C VAL B 454 45.00 -18.90 0.66
N ARG B 455 46.24 -19.41 0.62
CA ARG B 455 47.17 -19.19 1.73
C ARG B 455 47.48 -17.71 1.88
N GLN B 456 47.60 -17.00 0.76
CA GLN B 456 47.90 -15.57 0.81
C GLN B 456 46.68 -14.76 1.25
N LEU B 457 45.52 -15.06 0.66
CA LEU B 457 44.32 -14.26 0.92
C LEU B 457 43.93 -14.32 2.40
N TYR B 458 43.94 -15.52 2.99
CA TYR B 458 43.59 -15.65 4.39
C TYR B 458 44.71 -15.15 5.31
N ASN B 459 45.96 -15.20 4.84
CA ASN B 459 47.12 -14.81 5.63
C ASN B 459 47.16 -15.58 6.96
N ALA B 460 47.06 -16.91 6.84
CA ALA B 460 47.05 -17.79 8.00
C ALA B 460 47.29 -19.23 7.56
N PRO B 461 47.96 -20.05 8.36
CA PRO B 461 48.14 -21.46 7.99
C PRO B 461 46.86 -22.27 8.11
N THR B 462 45.99 -21.95 9.07
CA THR B 462 44.75 -22.68 9.27
C THR B 462 43.58 -21.71 9.27
N ILE B 463 42.41 -22.22 8.86
CA ILE B 463 41.18 -21.44 8.82
C ILE B 463 40.06 -22.29 9.40
N VAL B 464 38.89 -21.68 9.54
CA VAL B 464 37.69 -22.33 10.06
C VAL B 464 36.51 -21.93 9.20
N GLU B 465 35.86 -22.91 8.58
CA GLU B 465 34.69 -22.66 7.74
C GLU B 465 33.63 -23.71 8.04
N ARG B 466 32.44 -23.51 7.47
CA ARG B 466 31.28 -24.33 7.77
C ARG B 466 30.95 -25.22 6.57
N HIS B 467 30.59 -26.47 6.86
CA HIS B 467 30.32 -27.47 5.84
C HIS B 467 28.84 -27.84 5.80
N ARG B 468 28.43 -28.37 4.65
CA ARG B 468 27.12 -29.00 4.46
C ARG B 468 27.14 -29.84 3.20
N HIS B 469 27.59 -31.10 3.31
CA HIS B 469 27.77 -31.96 2.15
C HIS B 469 27.97 -33.39 2.65
N ARG B 470 27.87 -34.33 1.72
CA ARG B 470 28.12 -35.75 2.00
C ARG B 470 29.18 -36.36 1.11
N TYR B 471 29.27 -35.95 -0.15
CA TYR B 471 30.18 -36.55 -1.10
C TYR B 471 31.51 -35.80 -1.10
N GLU B 472 32.60 -36.55 -1.00
CA GLU B 472 33.95 -36.02 -0.89
C GLU B 472 34.71 -36.24 -2.19
N VAL B 473 35.94 -35.74 -2.23
CA VAL B 473 36.85 -35.99 -3.33
C VAL B 473 37.48 -37.37 -3.14
N ASN B 474 37.35 -38.22 -4.15
CA ASN B 474 37.91 -39.57 -4.10
C ASN B 474 39.44 -39.47 -4.06
N ASN B 475 40.01 -39.68 -2.88
CA ASN B 475 41.46 -39.62 -2.73
C ASN B 475 42.19 -40.75 -3.45
N MET B 476 41.47 -41.78 -3.89
CA MET B 476 42.11 -42.84 -4.67
C MET B 476 42.39 -42.41 -6.10
N LEU B 477 41.59 -41.49 -6.64
CA LEU B 477 41.80 -40.95 -7.97
C LEU B 477 42.40 -39.55 -7.96
N LEU B 478 42.75 -39.03 -6.77
CA LEU B 478 43.19 -37.64 -6.68
C LEU B 478 44.58 -37.46 -7.28
N LYS B 479 45.50 -38.38 -7.00
CA LYS B 479 46.88 -38.20 -7.46
C LYS B 479 46.97 -38.15 -8.97
N GLN B 480 46.09 -38.85 -9.67
CA GLN B 480 46.10 -38.80 -11.13
C GLN B 480 45.67 -37.42 -11.64
N ILE B 481 44.68 -36.81 -10.99
CA ILE B 481 44.27 -35.47 -11.37
C ILE B 481 45.32 -34.45 -10.95
N GLU B 482 46.00 -34.68 -9.82
CA GLU B 482 47.06 -33.79 -9.40
C GLU B 482 48.24 -33.85 -10.36
N ASP B 483 48.53 -35.04 -10.92
CA ASP B 483 49.61 -35.15 -11.89
C ASP B 483 49.27 -34.42 -13.19
N ALA B 484 47.99 -34.33 -13.53
CA ALA B 484 47.56 -33.65 -14.73
C ALA B 484 47.62 -32.13 -14.62
N GLY B 485 47.98 -31.59 -13.46
CA GLY B 485 48.15 -30.16 -13.32
C GLY B 485 47.40 -29.54 -12.14
N LEU B 486 46.33 -30.20 -11.70
CA LEU B 486 45.52 -29.65 -10.62
C LEU B 486 46.30 -29.64 -9.31
N ARG B 487 46.01 -28.65 -8.47
CA ARG B 487 46.68 -28.46 -7.20
C ARG B 487 45.67 -28.47 -6.06
N VAL B 488 46.03 -29.14 -4.97
CA VAL B 488 45.22 -29.15 -3.76
C VAL B 488 45.75 -28.06 -2.82
N ALA B 489 44.86 -27.14 -2.43
CA ALA B 489 45.25 -26.02 -1.59
C ALA B 489 44.74 -26.14 -0.15
N GLY B 490 43.87 -27.09 0.14
CA GLY B 490 43.34 -27.21 1.49
C GLY B 490 42.89 -28.61 1.87
N ARG B 491 43.21 -29.02 3.08
CA ARG B 491 42.82 -30.33 3.61
CA ARG B 491 42.81 -30.32 3.61
C ARG B 491 42.30 -30.15 5.02
N SER B 492 41.57 -31.16 5.50
CA SER B 492 40.97 -31.10 6.83
C SER B 492 40.94 -32.49 7.46
N GLY B 493 40.93 -32.50 8.79
CA GLY B 493 40.76 -33.72 9.56
C GLY B 493 41.90 -34.70 9.44
N ASP B 494 41.58 -35.96 9.77
CA ASP B 494 42.54 -37.06 9.72
C ASP B 494 42.60 -37.71 8.35
N ASP B 495 41.45 -37.86 7.68
CA ASP B 495 41.43 -38.50 6.36
C ASP B 495 41.99 -37.61 5.26
N GLN B 496 42.45 -36.41 5.59
CA GLN B 496 43.04 -35.49 4.61
C GLN B 496 42.08 -35.23 3.46
N LEU B 497 40.83 -34.94 3.81
CA LEU B 497 39.81 -34.65 2.81
C LEU B 497 40.14 -33.36 2.09
N VAL B 498 40.05 -33.38 0.76
CA VAL B 498 40.35 -32.20 -0.05
C VAL B 498 39.27 -31.14 0.21
N GLU B 499 39.71 -29.95 0.63
CA GLU B 499 38.80 -28.85 0.91
C GLU B 499 38.84 -27.76 -0.15
N ILE B 500 40.02 -27.45 -0.70
CA ILE B 500 40.18 -26.38 -1.68
C ILE B 500 41.04 -26.89 -2.82
N ILE B 501 40.65 -26.54 -4.05
CA ILE B 501 41.42 -26.87 -5.25
C ILE B 501 41.64 -25.59 -6.04
N GLU B 502 42.76 -25.54 -6.76
CA GLU B 502 43.12 -24.40 -7.58
C GLU B 502 43.74 -24.88 -8.88
N VAL B 503 43.46 -24.17 -9.96
CA VAL B 503 43.98 -24.49 -11.29
C VAL B 503 45.06 -23.46 -11.63
N PRO B 504 46.33 -23.87 -11.73
CA PRO B 504 47.38 -22.92 -12.10
C PRO B 504 47.24 -22.45 -13.55
N ASN B 505 48.09 -21.52 -13.95
CA ASN B 505 48.06 -20.95 -15.30
C ASN B 505 46.69 -20.36 -15.60
N HIS B 506 46.08 -19.74 -14.58
CA HIS B 506 44.78 -19.11 -14.67
C HIS B 506 44.80 -17.87 -13.81
N PRO B 507 44.11 -16.79 -14.21
CA PRO B 507 44.12 -15.57 -13.39
C PRO B 507 43.61 -15.79 -11.97
N TRP B 508 42.48 -16.49 -11.81
CA TRP B 508 41.88 -16.66 -10.49
C TRP B 508 40.87 -17.79 -10.59
N PHE B 509 41.28 -18.99 -10.19
CA PHE B 509 40.42 -20.19 -10.23
C PHE B 509 40.52 -20.90 -8.89
N VAL B 510 39.51 -20.75 -8.05
CA VAL B 510 39.46 -21.37 -6.73
C VAL B 510 38.11 -22.07 -6.58
N ALA B 511 38.13 -23.23 -5.92
CA ALA B 511 36.91 -23.97 -5.62
C ALA B 511 37.07 -24.64 -4.26
N CYS B 512 36.08 -24.50 -3.40
CA CYS B 512 36.15 -25.02 -2.04
C CYS B 512 34.90 -25.83 -1.72
N GLN B 513 35.04 -26.71 -0.73
CA GLN B 513 33.95 -27.59 -0.31
C GLN B 513 33.05 -26.93 0.73
N PHE B 514 33.62 -26.13 1.62
CA PHE B 514 32.84 -25.45 2.63
C PHE B 514 32.04 -24.30 2.00
N HIS B 515 31.25 -23.62 2.83
CA HIS B 515 30.46 -22.48 2.40
C HIS B 515 31.04 -21.20 3.00
N PRO B 516 31.90 -20.47 2.29
CA PRO B 516 32.50 -19.26 2.86
C PRO B 516 31.51 -18.11 3.02
N GLU B 517 30.37 -18.16 2.33
CA GLU B 517 29.41 -17.07 2.42
C GLU B 517 28.78 -16.96 3.81
N PHE B 518 28.83 -18.02 4.61
CA PHE B 518 28.30 -17.97 5.97
C PHE B 518 29.19 -17.23 6.93
N THR B 519 30.38 -16.81 6.51
CA THR B 519 31.30 -16.04 7.35
C THR B 519 31.44 -14.59 6.91
N SER B 520 30.99 -14.26 5.70
CA SER B 520 31.13 -12.90 5.19
C SER B 520 30.15 -11.95 5.86
N THR B 521 30.61 -10.74 6.16
CA THR B 521 29.83 -9.67 6.75
C THR B 521 30.10 -8.40 5.98
N PRO B 522 29.17 -7.43 6.03
CA PRO B 522 29.43 -6.16 5.32
C PRO B 522 30.54 -5.34 5.94
N ARG B 523 30.81 -5.50 7.24
CA ARG B 523 31.84 -4.69 7.88
C ARG B 523 33.23 -5.29 7.74
N ASP B 524 33.32 -6.62 7.62
CA ASP B 524 34.61 -7.30 7.52
C ASP B 524 34.84 -8.00 6.19
N GLY B 525 33.80 -8.19 5.38
CA GLY B 525 33.97 -8.86 4.11
C GLY B 525 34.39 -10.30 4.29
N HIS B 526 35.08 -10.83 3.28
CA HIS B 526 35.60 -12.17 3.31
C HIS B 526 36.82 -12.21 2.39
N PRO B 527 37.91 -12.86 2.80
CA PRO B 527 39.11 -12.85 1.96
C PRO B 527 38.90 -13.49 0.59
N LEU B 528 38.07 -14.53 0.51
CA LEU B 528 37.85 -15.21 -0.75
C LEU B 528 37.05 -14.35 -1.72
N PHE B 529 35.93 -13.79 -1.26
CA PHE B 529 35.08 -12.97 -2.13
C PHE B 529 35.76 -11.67 -2.49
N ALA B 530 36.50 -11.07 -1.55
CA ALA B 530 37.22 -9.83 -1.86
C ALA B 530 38.24 -10.06 -2.98
N GLY B 531 38.95 -11.18 -2.93
CA GLY B 531 39.88 -11.50 -4.01
C GLY B 531 39.18 -11.94 -5.28
N PHE B 532 38.00 -12.54 -5.15
CA PHE B 532 37.24 -12.98 -6.33
C PHE B 532 36.72 -11.79 -7.12
N VAL B 533 36.06 -10.85 -6.44
CA VAL B 533 35.54 -9.66 -7.11
C VAL B 533 36.67 -8.80 -7.62
N LYS B 534 37.79 -8.73 -6.88
CA LYS B 534 38.93 -7.96 -7.34
C LYS B 534 39.48 -8.52 -8.65
N ALA B 535 39.49 -9.85 -8.78
CA ALA B 535 39.94 -10.46 -10.04
C ALA B 535 38.97 -10.16 -11.17
N ALA B 536 37.68 -10.03 -10.86
CA ALA B 536 36.70 -9.68 -11.90
C ALA B 536 36.93 -8.25 -12.40
N SER B 537 37.30 -7.33 -11.50
CA SER B 537 37.56 -5.96 -11.92
CA SER B 537 37.56 -5.96 -11.92
C SER B 537 38.78 -5.89 -12.82
N GLU B 538 39.82 -6.66 -12.52
CA GLU B 538 41.01 -6.65 -13.36
C GLU B 538 40.73 -7.30 -14.71
N PHE B 539 39.89 -8.34 -14.73
CA PHE B 539 39.50 -8.96 -16.00
C PHE B 539 38.70 -7.97 -16.84
N GLN B 540 37.85 -7.16 -16.20
CA GLN B 540 37.05 -6.19 -16.94
C GLN B 540 37.92 -5.11 -17.55
N LYS B 541 38.98 -4.69 -16.86
CA LYS B 541 39.86 -3.67 -17.41
C LYS B 541 40.63 -4.17 -18.63
N ARG B 542 40.95 -5.46 -18.67
CA ARG B 542 41.71 -6.03 -19.77
C ARG B 542 40.88 -6.25 -21.03
N GLN B 543 39.60 -5.90 -21.03
CA GLN B 543 38.76 -6.13 -22.19
C GLN B 543 38.37 -4.80 -22.85
#